data_2ZII
#
_entry.id   2ZII
#
_cell.length_a   104.081
_cell.length_b   104.081
_cell.length_c   292.759
_cell.angle_alpha   90.000
_cell.angle_beta   90.000
_cell.angle_gamma   120.000
#
_symmetry.space_group_name_H-M   'P 31 2 1'
#
loop_
_entity.id
_entity.type
_entity.pdbx_description
1 polymer 'Vacuolar protein sorting-associated protein 74'
2 water water
#
_entity_poly.entity_id   1
_entity_poly.type   'polypeptide(L)'
_entity_poly.pdbx_seq_one_letter_code
;GSDNINIPTLTLMEEVLLMGLRDREGYLSFWNDSISYALRGCIIIELALRGKIRILDDSARKRFDLSERLIEVIDSSKTG
EVLLDETLQLMKNDEPLSISNWIDLLSGETWNLLKINYQLKQVRERLAKGLVDKGVLRTEMKNFFLFDMATHPIADASCK
EAIKRRVLSVLVSRNMELSYNEYFPETTSFKIIRTLALICGSYGANVLENVLTTLEYEKRDKAISRAEEIMAQFSQYPFD
LEKETELGVSVNLNKEVKEEIENNPGHDLQLEVIAGVFEVFSRMDMLL
;
_entity_poly.pdbx_strand_id   A,B,C,D
#
# COMPACT_ATOMS: atom_id res chain seq x y z
N ASN A 6 19.85 -5.43 33.53
CA ASN A 6 18.69 -6.31 33.18
C ASN A 6 17.89 -5.82 31.92
N ILE A 7 18.22 -6.45 30.79
CA ILE A 7 17.71 -6.19 29.45
C ILE A 7 16.55 -7.14 29.12
N PRO A 8 15.35 -6.61 28.76
CA PRO A 8 14.17 -7.47 28.64
C PRO A 8 14.23 -8.30 27.35
N THR A 9 13.26 -9.17 27.14
CA THR A 9 13.43 -10.17 26.10
C THR A 9 13.28 -9.66 24.66
N LEU A 10 12.21 -8.92 24.36
CA LEU A 10 12.05 -8.40 23.01
C LEU A 10 12.80 -7.08 22.80
N THR A 11 13.26 -6.79 21.59
CA THR A 11 13.72 -5.43 21.30
C THR A 11 12.50 -4.51 21.21
N LEU A 12 12.69 -3.21 21.43
CA LEU A 12 11.59 -2.25 21.25
C LEU A 12 11.05 -2.28 19.81
N MET A 13 11.91 -2.65 18.86
CA MET A 13 11.45 -2.81 17.49
C MET A 13 10.47 -3.98 17.39
N GLU A 14 10.80 -5.07 18.09
CA GLU A 14 9.91 -6.21 18.18
C GLU A 14 8.55 -5.80 18.72
N GLU A 15 8.54 -5.19 19.90
CA GLU A 15 7.30 -4.70 20.49
C GLU A 15 6.50 -3.75 19.57
N VAL A 16 7.18 -2.84 18.87
CA VAL A 16 6.47 -2.01 17.92
C VAL A 16 5.82 -2.91 16.86
N LEU A 17 6.60 -3.76 16.20
CA LEU A 17 6.04 -4.71 15.19
C LEU A 17 4.83 -5.48 15.68
N LEU A 18 4.91 -5.93 16.92
CA LEU A 18 3.81 -6.63 17.52
C LEU A 18 2.58 -5.75 17.67
N MET A 19 2.76 -4.49 18.05
CA MET A 19 1.61 -3.58 18.14
C MET A 19 0.85 -3.53 16.81
N GLY A 20 1.55 -3.65 15.69
CA GLY A 20 0.90 -3.61 14.38
C GLY A 20 0.46 -4.95 13.80
N LEU A 21 0.64 -6.03 14.56
CA LEU A 21 0.35 -7.40 14.10
C LEU A 21 -1.07 -7.95 14.42
N ARG A 22 -1.87 -8.23 13.39
CA ARG A 22 -3.20 -8.84 13.57
C ARG A 22 -3.16 -10.23 14.21
N ASP A 23 -4.30 -10.64 14.78
CA ASP A 23 -4.41 -11.93 15.44
C ASP A 23 -4.37 -13.12 14.49
N ARG A 24 -4.96 -12.92 13.32
CA ARG A 24 -5.11 -13.97 12.31
C ARG A 24 -4.55 -13.43 11.01
N GLU A 25 -3.81 -14.25 10.27
CA GLU A 25 -3.26 -13.85 8.98
C GLU A 25 -2.43 -12.62 9.15
N GLY A 26 -1.50 -12.68 10.11
CA GLY A 26 -0.63 -11.57 10.47
C GLY A 26 0.04 -11.01 9.24
N TYR A 27 0.35 -11.88 8.29
CA TYR A 27 1.05 -11.44 7.08
C TYR A 27 0.25 -10.39 6.27
N LEU A 28 -1.02 -10.22 6.58
CA LEU A 28 -1.79 -9.18 5.92
C LEU A 28 -1.98 -7.89 6.74
N SER A 29 -1.15 -7.72 7.77
CA SER A 29 -1.22 -6.53 8.60
C SER A 29 -0.72 -5.37 7.77
N PHE A 30 -1.03 -4.14 8.19
CA PHE A 30 -0.67 -2.92 7.46
C PHE A 30 0.82 -2.64 7.61
N TRP A 31 1.57 -2.60 6.51
CA TRP A 31 2.95 -2.16 6.54
C TRP A 31 3.08 -0.84 5.77
N ASN A 32 4.05 -0.02 6.15
CA ASN A 32 4.17 1.34 5.61
C ASN A 32 5.40 2.07 6.12
N ASP A 33 5.66 3.23 5.52
CA ASP A 33 6.86 4.03 5.78
C ASP A 33 7.02 4.46 7.21
N SER A 34 5.88 4.69 7.88
CA SER A 34 5.87 5.16 9.26
C SER A 34 6.37 4.10 10.19
N ILE A 35 5.73 2.94 10.20
CA ILE A 35 6.24 1.92 11.09
C ILE A 35 7.73 1.62 10.74
N SER A 36 8.05 1.65 9.45
CA SER A 36 9.38 1.29 8.99
C SER A 36 10.49 2.17 9.56
N TYR A 37 10.24 3.48 9.51
CA TYR A 37 11.16 4.50 9.97
C TYR A 37 11.24 4.48 11.49
N ALA A 38 10.09 4.27 12.11
CA ALA A 38 9.98 4.21 13.55
C ALA A 38 10.84 3.09 14.12
N LEU A 39 10.98 2.00 13.38
CA LEU A 39 11.81 0.90 13.86
C LEU A 39 13.25 1.35 14.04
N ARG A 40 13.68 2.26 13.20
CA ARG A 40 15.04 2.75 13.25
C ARG A 40 15.30 3.54 14.52
N GLY A 41 14.45 4.53 14.80
CA GLY A 41 14.51 5.26 16.07
C GLY A 41 14.54 4.31 17.27
N CYS A 42 13.80 3.22 17.17
CA CYS A 42 13.84 2.21 18.21
C CYS A 42 15.24 1.64 18.44
N ILE A 43 15.92 1.32 17.32
CA ILE A 43 17.29 0.84 17.32
C ILE A 43 18.18 1.79 18.13
N ILE A 44 18.15 3.07 17.78
CA ILE A 44 18.89 4.07 18.53
C ILE A 44 18.51 4.09 20.03
N ILE A 45 17.22 4.15 20.35
CA ILE A 45 16.83 4.13 21.75
C ILE A 45 17.43 2.94 22.45
N GLU A 46 17.17 1.77 21.88
CA GLU A 46 17.66 0.50 22.39
C GLU A 46 19.17 0.64 22.72
N LEU A 47 19.97 1.07 21.75
CA LEU A 47 21.41 1.21 21.92
C LEU A 47 21.83 2.12 23.08
N ALA A 48 21.09 3.18 23.29
CA ALA A 48 21.36 4.04 24.41
C ALA A 48 20.95 3.35 25.68
N LEU A 49 19.86 2.60 25.65
CA LEU A 49 19.44 1.90 26.84
C LEU A 49 20.44 0.80 27.19
N ARG A 50 21.26 0.39 26.24
CA ARG A 50 22.16 -0.72 26.50
C ARG A 50 23.59 -0.24 26.72
N GLY A 51 23.77 1.04 26.99
CA GLY A 51 25.09 1.57 27.23
C GLY A 51 26.01 1.58 26.01
N LYS A 52 25.51 1.19 24.85
CA LYS A 52 26.34 1.17 23.65
C LYS A 52 26.63 2.55 23.08
N ILE A 53 25.65 3.45 23.07
CA ILE A 53 25.91 4.82 22.59
C ILE A 53 25.65 5.83 23.70
N ARG A 54 25.97 7.08 23.42
CA ARG A 54 25.64 8.17 24.33
C ARG A 54 25.77 9.47 23.55
N ILE A 55 25.10 10.53 24.03
CA ILE A 55 25.26 11.90 23.46
C ILE A 55 26.70 12.39 23.47
N LEU A 56 27.20 12.91 22.34
CA LEU A 56 28.61 13.37 22.33
C LEU A 56 28.77 14.56 23.28
N ASP A 57 29.57 14.31 24.32
CA ASP A 57 29.53 15.12 25.56
C ASP A 57 30.20 16.48 25.42
N ASP A 58 29.68 17.30 24.51
CA ASP A 58 30.21 18.64 24.18
C ASP A 58 29.12 19.70 24.40
N SER A 59 29.30 20.58 25.39
CA SER A 59 28.25 21.57 25.71
C SER A 59 27.83 22.50 24.53
N ALA A 60 28.65 22.58 23.49
CA ALA A 60 28.30 23.38 22.35
C ALA A 60 26.94 22.92 21.81
N ARG A 61 26.58 21.69 22.13
CA ARG A 61 25.36 21.08 21.60
C ARG A 61 24.09 21.79 22.01
N LYS A 62 24.08 22.34 23.25
CA LYS A 62 22.86 22.82 23.89
C LYS A 62 22.20 24.03 23.20
N ARG A 63 22.89 24.61 22.23
CA ARG A 63 22.31 25.64 21.38
C ARG A 63 21.40 25.03 20.28
N PHE A 64 21.34 23.70 20.19
CA PHE A 64 20.57 23.04 19.13
C PHE A 64 19.55 22.00 19.62
N ASP A 65 18.64 21.67 18.72
CA ASP A 65 17.64 20.63 18.96
C ASP A 65 18.21 19.24 19.27
N LEU A 66 17.62 18.55 20.25
CA LEU A 66 18.07 17.21 20.65
C LEU A 66 18.35 16.37 19.41
N SER A 67 17.35 16.22 18.55
CA SER A 67 17.47 15.38 17.35
C SER A 67 18.67 15.66 16.43
N GLU A 68 19.32 16.81 16.61
CA GLU A 68 20.48 17.18 15.76
C GLU A 68 21.84 17.18 16.50
N ARG A 69 21.81 16.67 17.72
CA ARG A 69 22.99 16.56 18.53
C ARG A 69 23.67 15.26 18.17
N LEU A 70 25.01 15.28 18.08
CA LEU A 70 25.79 14.11 17.68
C LEU A 70 25.85 13.08 18.78
N ILE A 71 26.01 11.83 18.38
CA ILE A 71 26.11 10.72 19.34
C ILE A 71 27.36 9.93 19.08
N GLU A 72 27.88 9.32 20.13
CA GLU A 72 29.16 8.64 20.03
C GLU A 72 29.10 7.21 20.58
N VAL A 73 29.91 6.34 19.98
CA VAL A 73 29.97 4.95 20.40
C VAL A 73 30.86 4.84 21.63
N ILE A 74 30.25 4.47 22.75
CA ILE A 74 31.02 4.31 23.96
C ILE A 74 31.36 2.86 24.23
N ASP A 75 30.55 1.93 23.75
CA ASP A 75 30.83 0.49 23.94
C ASP A 75 30.39 -0.32 22.69
N SER A 76 31.34 -0.75 21.86
CA SER A 76 30.99 -1.39 20.60
C SER A 76 30.86 -2.92 20.64
N SER A 77 30.94 -3.50 21.84
CA SER A 77 30.81 -4.95 21.97
C SER A 77 29.43 -5.41 21.53
N LYS A 78 29.41 -6.44 20.67
CA LYS A 78 28.20 -7.06 20.09
C LYS A 78 27.13 -7.21 21.15
N THR A 79 25.90 -7.04 20.70
CA THR A 79 24.74 -6.88 21.55
C THR A 79 23.89 -8.15 21.57
N GLY A 80 24.08 -8.98 20.53
CA GLY A 80 23.34 -10.22 20.39
C GLY A 80 22.05 -10.08 19.60
N GLU A 81 21.81 -8.88 19.09
CA GLU A 81 20.66 -8.64 18.27
C GLU A 81 21.21 -8.14 16.95
N VAL A 82 21.01 -8.96 15.93
CA VAL A 82 21.54 -8.69 14.60
C VAL A 82 21.33 -7.22 14.22
N LEU A 83 20.10 -6.73 14.38
CA LEU A 83 19.79 -5.37 13.96
C LEU A 83 20.58 -4.30 14.71
N LEU A 84 20.63 -4.44 16.05
CA LEU A 84 21.34 -3.49 16.89
C LEU A 84 22.82 -3.46 16.52
N ASP A 85 23.36 -4.67 16.41
CA ASP A 85 24.77 -4.94 16.11
C ASP A 85 25.22 -4.43 14.76
N GLU A 86 24.44 -4.68 13.71
CA GLU A 86 24.81 -4.19 12.39
C GLU A 86 25.00 -2.69 12.44
N THR A 87 24.15 -2.03 13.21
CA THR A 87 24.20 -0.59 13.22
C THR A 87 25.32 -0.13 14.13
N LEU A 88 25.60 -0.91 15.16
CA LEU A 88 26.84 -0.68 15.90
C LEU A 88 28.11 -0.77 15.05
N GLN A 89 28.18 -1.71 14.11
CA GLN A 89 29.35 -1.80 13.22
C GLN A 89 29.47 -0.49 12.45
N LEU A 90 28.35 0.02 11.96
CA LEU A 90 28.36 1.22 11.14
C LEU A 90 28.88 2.39 11.93
N MET A 91 28.30 2.55 13.11
CA MET A 91 28.65 3.62 14.02
C MET A 91 30.08 3.54 14.49
N LYS A 92 30.51 2.34 14.90
CA LYS A 92 31.87 2.14 15.42
C LYS A 92 32.85 2.68 14.41
N ASN A 93 32.69 2.34 13.14
CA ASN A 93 33.70 2.81 12.23
C ASN A 93 33.30 4.02 11.36
N ASP A 94 32.71 5.01 12.03
CA ASP A 94 32.42 6.31 11.41
C ASP A 94 32.61 7.43 12.43
N GLU A 95 32.65 8.67 11.96
CA GLU A 95 32.81 9.82 12.84
C GLU A 95 31.47 10.05 13.56
N PRO A 96 31.45 10.83 14.65
CA PRO A 96 30.20 11.26 15.28
C PRO A 96 29.15 11.83 14.31
N LEU A 97 27.89 11.39 14.44
CA LEU A 97 26.78 11.84 13.57
C LEU A 97 25.49 12.03 14.39
N SER A 98 24.57 12.90 13.95
CA SER A 98 23.40 13.22 14.79
C SER A 98 22.32 12.12 14.89
N ILE A 99 21.49 12.21 15.93
CA ILE A 99 20.39 11.28 16.12
C ILE A 99 19.55 11.18 14.85
N SER A 100 19.02 12.29 14.38
CA SER A 100 18.19 12.21 13.19
C SER A 100 18.97 11.85 11.94
N ASN A 101 20.27 12.12 11.95
CA ASN A 101 21.08 11.79 10.78
C ASN A 101 21.20 10.28 10.68
N TRP A 102 21.37 9.60 11.80
CA TRP A 102 21.48 8.15 11.82
C TRP A 102 20.20 7.48 11.37
N ILE A 103 19.08 7.85 12.00
CA ILE A 103 17.81 7.26 11.64
C ILE A 103 17.60 7.44 10.15
N ASP A 104 17.95 8.62 9.64
CA ASP A 104 17.91 8.85 8.22
C ASP A 104 18.78 7.89 7.43
N LEU A 105 20.01 7.67 7.87
CA LEU A 105 20.86 6.76 7.15
C LEU A 105 20.34 5.32 7.24
N LEU A 106 19.90 4.90 8.42
CA LEU A 106 19.51 3.53 8.62
C LEU A 106 18.16 3.23 7.96
N SER A 107 17.45 4.28 7.58
CA SER A 107 16.12 4.12 7.04
C SER A 107 16.12 4.28 5.56
N GLY A 108 17.30 4.52 5.00
CA GLY A 108 17.42 4.80 3.58
C GLY A 108 17.08 6.22 3.20
N GLU A 109 16.44 6.97 4.11
CA GLU A 109 15.86 8.30 3.82
C GLU A 109 16.76 9.40 3.25
N THR A 110 18.06 9.11 3.14
CA THR A 110 19.01 10.10 2.63
C THR A 110 19.70 9.73 1.30
N TRP A 111 19.82 10.70 0.39
CA TRP A 111 20.54 10.53 -0.91
C TRP A 111 22.06 10.78 -0.79
N ASN A 112 22.76 10.14 0.16
CA ASN A 112 24.22 10.31 0.30
C ASN A 112 25.13 9.32 -0.46
N LEU A 113 25.93 9.85 -1.38
CA LEU A 113 26.87 9.05 -2.19
C LEU A 113 27.70 7.89 -1.61
N LEU A 114 28.55 8.19 -0.62
CA LEU A 114 29.40 7.16 0.02
C LEU A 114 28.71 6.31 1.12
N LYS A 115 27.40 6.45 1.29
CA LYS A 115 26.68 5.77 2.39
C LYS A 115 25.32 5.08 2.05
N ILE A 116 25.04 4.86 0.75
CA ILE A 116 23.85 4.08 0.36
C ILE A 116 23.82 2.70 1.10
N ASN A 117 25.00 2.16 1.36
CA ASN A 117 25.15 0.87 2.03
C ASN A 117 24.74 0.88 3.51
N TYR A 118 24.49 2.07 4.07
CA TYR A 118 24.16 2.23 5.49
C TYR A 118 22.74 1.73 5.83
N GLN A 119 21.87 1.72 4.83
CA GLN A 119 20.49 1.31 5.02
C GLN A 119 20.41 -0.12 5.49
N LEU A 120 19.75 -0.35 6.63
CA LEU A 120 19.49 -1.70 7.11
C LEU A 120 18.41 -2.31 6.22
N LYS A 121 18.75 -3.36 5.47
CA LYS A 121 17.80 -4.10 4.64
C LYS A 121 17.26 -5.32 5.46
N GLN A 122 16.23 -6.01 5.00
CA GLN A 122 15.72 -7.26 5.65
C GLN A 122 15.25 -7.12 7.10
N VAL A 123 14.92 -5.90 7.51
CA VAL A 123 14.47 -5.59 8.88
C VAL A 123 13.22 -6.33 9.38
N ARG A 124 12.13 -6.31 8.61
CA ARG A 124 10.92 -7.11 8.93
C ARG A 124 11.20 -8.62 9.09
N GLU A 125 11.98 -9.16 8.15
CA GLU A 125 12.28 -10.58 8.05
C GLU A 125 13.06 -10.99 9.28
N ARG A 126 14.12 -10.23 9.56
CA ARG A 126 14.94 -10.48 10.72
C ARG A 126 14.17 -10.35 12.03
N LEU A 127 13.21 -9.42 12.05
CA LEU A 127 12.41 -9.19 13.24
C LEU A 127 11.47 -10.37 13.52
N ALA A 128 10.89 -10.94 12.45
CA ALA A 128 10.02 -12.08 12.64
C ALA A 128 10.86 -13.29 13.01
N LYS A 129 12.06 -13.41 12.41
CA LYS A 129 13.03 -14.43 12.83
C LYS A 129 13.15 -14.30 14.35
N GLY A 130 13.42 -13.09 14.83
CA GLY A 130 13.52 -12.85 16.27
C GLY A 130 12.34 -13.34 17.10
N LEU A 131 11.13 -12.91 16.68
CA LEU A 131 9.88 -13.25 17.40
C LEU A 131 9.58 -14.78 17.36
N VAL A 132 10.04 -15.43 16.28
CA VAL A 132 10.07 -16.90 16.22
C VAL A 132 11.06 -17.50 17.22
N ASP A 133 12.35 -17.20 17.11
CA ASP A 133 13.37 -17.76 18.03
C ASP A 133 13.12 -17.44 19.47
N LYS A 134 12.15 -16.58 19.73
CA LYS A 134 11.81 -16.26 21.09
C LYS A 134 10.49 -16.90 21.51
N GLY A 135 9.79 -17.55 20.58
CA GLY A 135 8.54 -18.27 20.89
C GLY A 135 7.23 -17.49 20.87
N VAL A 136 7.25 -16.29 20.32
CA VAL A 136 6.02 -15.51 20.23
C VAL A 136 5.32 -15.97 18.97
N LEU A 137 6.09 -16.30 17.95
CA LEU A 137 5.50 -16.67 16.68
C LEU A 137 5.97 -18.07 16.33
N ARG A 138 5.04 -18.96 15.95
CA ARG A 138 5.44 -20.20 15.27
C ARG A 138 5.66 -19.85 13.82
N THR A 139 5.74 -20.88 12.97
CA THR A 139 5.98 -20.74 11.52
C THR A 139 5.32 -21.92 10.81
N GLU A 140 4.42 -21.62 9.87
CA GLU A 140 3.53 -22.60 9.23
C GLU A 140 3.29 -22.22 7.77
N MET A 141 3.30 -23.20 6.87
CA MET A 141 3.10 -22.97 5.44
C MET A 141 1.62 -22.92 5.11
N LYS A 142 1.23 -21.86 4.43
CA LYS A 142 -0.10 -21.73 3.82
C LYS A 142 0.12 -21.96 2.33
N ASN A 143 -0.78 -22.74 1.73
CA ASN A 143 -0.72 -23.02 0.28
C ASN A 143 -1.73 -22.17 -0.52
N PHE A 144 -1.18 -21.32 -1.39
CA PHE A 144 -1.99 -20.64 -2.42
C PHE A 144 -1.94 -21.52 -3.73
N PHE A 145 -2.30 -20.95 -4.88
CA PHE A 145 -2.28 -21.74 -6.09
C PHE A 145 -0.85 -21.95 -6.62
N LEU A 146 -0.23 -20.91 -7.18
CA LEU A 146 1.07 -21.03 -7.85
C LEU A 146 2.28 -21.04 -6.94
N PHE A 147 2.06 -21.16 -5.62
CA PHE A 147 3.16 -21.11 -4.66
C PHE A 147 2.70 -21.34 -3.21
N ASP A 148 3.70 -21.56 -2.37
CA ASP A 148 3.51 -21.69 -0.94
C ASP A 148 4.32 -20.60 -0.25
N MET A 149 3.70 -19.88 0.68
CA MET A 149 4.42 -18.89 1.48
C MET A 149 4.48 -19.33 2.94
N ALA A 150 5.61 -19.08 3.60
CA ALA A 150 5.70 -19.29 5.03
C ALA A 150 5.00 -18.16 5.80
N THR A 151 4.00 -18.53 6.60
CA THR A 151 3.38 -17.60 7.52
C THR A 151 3.93 -17.84 8.92
N HIS A 152 3.85 -16.84 9.78
CA HIS A 152 4.24 -17.01 11.15
C HIS A 152 3.09 -16.63 12.03
N PRO A 153 2.16 -17.57 12.23
CA PRO A 153 1.05 -17.27 13.13
C PRO A 153 1.58 -17.14 14.56
N ILE A 154 0.80 -16.54 15.46
CA ILE A 154 1.30 -16.29 16.83
C ILE A 154 1.24 -17.55 17.75
N ALA A 155 2.36 -17.87 18.39
CA ALA A 155 2.45 -19.00 19.33
C ALA A 155 2.06 -18.58 20.74
N ASP A 156 2.53 -17.42 21.17
CA ASP A 156 2.25 -16.94 22.53
C ASP A 156 1.49 -15.60 22.53
N ALA A 157 0.17 -15.67 22.70
CA ALA A 157 -0.65 -14.46 22.71
C ALA A 157 -0.38 -13.60 23.93
N SER A 158 0.16 -14.20 24.99
CA SER A 158 0.27 -13.48 26.24
C SER A 158 1.33 -12.39 26.13
N CYS A 159 2.21 -12.49 25.13
CA CYS A 159 3.27 -11.51 24.92
C CYS A 159 2.71 -10.14 24.51
N LYS A 160 1.97 -10.08 23.39
CA LYS A 160 1.39 -8.80 22.97
C LYS A 160 0.43 -8.31 24.04
N GLU A 161 -0.21 -9.24 24.73
CA GLU A 161 -1.18 -8.90 25.77
C GLU A 161 -0.55 -8.06 26.89
N ALA A 162 0.58 -8.52 27.39
CA ALA A 162 1.29 -7.87 28.48
C ALA A 162 1.74 -6.48 28.05
N ILE A 163 2.28 -6.39 26.82
CA ILE A 163 2.60 -5.08 26.23
C ILE A 163 1.38 -4.14 26.18
N LYS A 164 0.27 -4.70 25.71
CA LYS A 164 -0.99 -3.98 25.65
C LYS A 164 -1.34 -3.50 27.03
N ARG A 165 -1.37 -4.40 28.03
CA ARG A 165 -1.73 -3.99 29.39
C ARG A 165 -0.80 -2.84 29.93
N ARG A 166 0.47 -2.82 29.51
CA ARG A 166 1.33 -1.68 29.90
C ARG A 166 0.83 -0.37 29.29
N VAL A 167 0.78 -0.30 27.98
CA VAL A 167 0.22 0.87 27.33
C VAL A 167 -1.05 1.33 28.07
N LEU A 168 -1.95 0.40 28.35
CA LEU A 168 -3.23 0.77 28.94
C LEU A 168 -3.06 1.34 30.36
N SER A 169 -2.08 0.80 31.06
CA SER A 169 -1.78 1.25 32.41
C SER A 169 -1.28 2.71 32.44
N VAL A 170 -0.49 3.10 31.43
CA VAL A 170 -0.09 4.48 31.24
C VAL A 170 -1.17 5.35 30.61
N LEU A 171 -2.02 4.78 29.78
CA LEU A 171 -2.92 5.61 28.99
C LEU A 171 -4.37 5.62 29.42
N VAL A 172 -4.77 4.70 30.28
CA VAL A 172 -6.15 4.79 30.79
C VAL A 172 -6.39 4.67 32.31
N SER A 173 -5.59 3.87 33.03
CA SER A 173 -5.64 3.79 34.52
C SER A 173 -5.52 5.14 35.21
N ARG A 174 -6.29 5.38 36.29
CA ARG A 174 -6.07 6.63 37.08
C ARG A 174 -4.64 6.59 37.64
N ASN A 175 -4.22 5.42 38.10
CA ASN A 175 -2.86 5.27 38.54
C ASN A 175 -2.21 4.18 37.82
N MET A 176 -1.18 4.55 37.06
CA MET A 176 -0.28 3.59 36.44
C MET A 176 0.21 2.61 37.50
N GLU A 177 0.21 1.32 37.17
CA GLU A 177 0.82 0.28 38.00
C GLU A 177 1.18 -0.86 37.05
N LEU A 178 2.38 -0.82 36.47
CA LEU A 178 2.80 -1.81 35.46
C LEU A 178 2.87 -3.25 36.03
N SER A 179 2.75 -4.24 35.15
CA SER A 179 2.74 -5.65 35.53
C SER A 179 3.84 -6.37 34.80
N TYR A 180 4.45 -7.37 35.42
CA TYR A 180 5.61 -7.99 34.79
C TYR A 180 5.38 -9.45 34.36
N ASN A 181 6.24 -9.94 33.47
CA ASN A 181 6.17 -11.30 32.91
C ASN A 181 7.56 -11.81 32.52
N GLU A 182 7.66 -13.07 32.10
CA GLU A 182 8.93 -13.68 31.69
C GLU A 182 9.75 -12.79 30.72
N TYR A 183 9.02 -12.08 29.84
CA TYR A 183 9.57 -11.16 28.83
C TYR A 183 10.03 -9.82 29.41
N PHE A 184 9.26 -9.30 30.36
CA PHE A 184 9.51 -7.97 30.92
C PHE A 184 9.41 -8.03 32.47
N PRO A 185 10.49 -8.49 33.15
CA PRO A 185 10.49 -8.70 34.62
C PRO A 185 10.54 -7.39 35.43
N GLU A 186 9.97 -7.36 36.65
CA GLU A 186 10.15 -6.22 37.59
C GLU A 186 11.65 -6.03 37.89
N THR A 187 12.46 -6.91 37.33
CA THR A 187 13.90 -6.87 37.36
C THR A 187 14.50 -5.80 36.46
N THR A 188 13.77 -5.34 35.44
CA THR A 188 14.45 -4.73 34.27
C THR A 188 14.77 -3.23 34.35
N SER A 189 15.91 -2.82 33.78
CA SER A 189 16.28 -1.41 33.73
C SER A 189 15.27 -0.53 32.97
N PHE A 190 15.01 0.65 33.53
CA PHE A 190 14.19 1.68 32.89
C PHE A 190 12.83 1.17 32.39
N LYS A 191 12.24 0.31 33.21
CA LYS A 191 10.93 -0.29 32.95
C LYS A 191 9.97 0.78 32.39
N ILE A 192 9.88 1.93 33.07
CA ILE A 192 8.98 2.99 32.64
C ILE A 192 9.43 3.72 31.37
N ILE A 193 10.73 4.00 31.29
CA ILE A 193 11.23 4.66 30.10
C ILE A 193 10.97 3.74 28.90
N ARG A 194 11.23 2.45 29.09
CA ARG A 194 11.04 1.51 28.02
C ARG A 194 9.57 1.49 27.58
N THR A 195 8.67 1.66 28.56
CA THR A 195 7.26 1.70 28.26
C THR A 195 6.92 2.98 27.53
N LEU A 196 7.39 4.09 28.06
CA LEU A 196 7.06 5.34 27.43
C LEU A 196 7.61 5.27 26.02
N ALA A 197 8.81 4.70 25.89
CA ALA A 197 9.39 4.42 24.58
C ALA A 197 8.48 3.56 23.69
N LEU A 198 7.91 2.47 24.22
CA LEU A 198 6.98 1.67 23.45
C LEU A 198 5.87 2.55 22.87
N ILE A 199 5.23 3.31 23.76
CA ILE A 199 4.11 4.20 23.46
C ILE A 199 4.50 5.25 22.44
N CYS A 200 5.51 6.04 22.72
CA CYS A 200 5.88 7.10 21.79
C CYS A 200 6.31 6.58 20.44
N GLY A 201 7.09 5.48 20.44
CA GLY A 201 7.48 4.79 19.22
C GLY A 201 6.24 4.30 18.50
N SER A 202 5.33 3.67 19.26
CA SER A 202 4.12 3.13 18.66
C SER A 202 3.32 4.23 17.97
N TYR A 203 3.23 5.38 18.63
CA TYR A 203 2.44 6.51 18.16
C TYR A 203 3.05 7.10 16.92
N GLY A 204 4.36 7.10 16.87
CA GLY A 204 5.06 7.59 15.71
C GLY A 204 4.77 6.68 14.55
N ALA A 205 4.60 5.38 14.84
CA ALA A 205 4.30 4.38 13.84
C ALA A 205 2.83 4.35 13.42
N ASN A 206 1.99 5.10 14.14
CA ASN A 206 0.53 5.08 13.96
C ASN A 206 0.03 3.67 14.20
N VAL A 207 0.50 3.03 15.25
CA VAL A 207 -0.05 1.76 15.60
C VAL A 207 -0.44 1.82 17.06
N LEU A 208 -0.36 3.02 17.65
CA LEU A 208 -0.76 3.17 19.04
C LEU A 208 -2.24 2.90 19.22
N GLU A 209 -3.08 3.61 18.48
CA GLU A 209 -4.54 3.51 18.68
C GLU A 209 -5.18 2.14 18.40
N ASN A 210 -4.39 1.29 17.74
CA ASN A 210 -4.72 -0.09 17.51
C ASN A 210 -5.21 -0.82 18.72
N VAL A 211 -4.58 -0.60 19.87
CA VAL A 211 -4.98 -1.34 21.05
C VAL A 211 -6.13 -0.71 21.85
N LEU A 212 -6.56 0.46 21.45
CA LEU A 212 -7.50 1.19 22.27
C LEU A 212 -8.88 1.15 21.69
N THR A 213 -9.02 0.41 20.59
CA THR A 213 -10.23 0.47 19.77
C THR A 213 -11.52 0.09 20.49
N THR A 214 -11.51 -1.01 21.22
CA THR A 214 -12.69 -1.44 21.95
C THR A 214 -13.18 -0.44 23.02
N LEU A 215 -12.27 0.31 23.63
CA LEU A 215 -12.63 1.30 24.66
C LEU A 215 -13.73 2.28 24.23
N GLU A 216 -14.58 2.66 25.19
CA GLU A 216 -15.57 3.74 25.01
C GLU A 216 -14.84 4.96 24.43
N TYR A 217 -15.47 5.65 23.46
CA TYR A 217 -14.73 6.70 22.72
C TYR A 217 -14.11 7.87 23.50
N GLU A 218 -14.62 8.20 24.69
CA GLU A 218 -13.98 9.24 25.48
C GLU A 218 -12.67 8.75 26.10
N LYS A 219 -12.64 7.53 26.64
CA LYS A 219 -11.44 6.98 27.25
C LYS A 219 -10.37 6.87 26.19
N ARG A 220 -10.83 6.55 24.99
CA ARG A 220 -9.98 6.40 23.85
C ARG A 220 -9.33 7.74 23.48
N ASP A 221 -10.16 8.76 23.38
CA ASP A 221 -9.71 10.09 23.01
C ASP A 221 -8.72 10.70 24.00
N LYS A 222 -9.03 10.55 25.29
CA LYS A 222 -8.18 10.86 26.47
C LYS A 222 -6.82 10.14 26.38
N ALA A 223 -6.86 8.83 26.11
CA ALA A 223 -5.68 7.98 25.91
C ALA A 223 -4.69 8.52 24.87
N ILE A 224 -5.21 8.92 23.70
CA ILE A 224 -4.37 9.49 22.67
C ILE A 224 -3.74 10.83 23.10
N SER A 225 -4.53 11.72 23.68
CA SER A 225 -3.97 13.00 24.12
C SER A 225 -3.05 12.89 25.34
N ARG A 226 -3.24 11.87 26.17
CA ARG A 226 -2.32 11.64 27.26
C ARG A 226 -1.01 11.16 26.67
N ALA A 227 -1.10 10.26 25.68
CA ALA A 227 0.04 9.83 24.89
C ALA A 227 0.80 11.01 24.27
N GLU A 228 0.07 12.03 23.81
CA GLU A 228 0.68 13.24 23.26
C GLU A 228 1.34 14.12 24.33
N GLU A 229 0.79 14.11 25.53
CA GLU A 229 1.40 14.81 26.64
C GLU A 229 2.79 14.26 26.88
N ILE A 230 2.85 12.96 27.19
CA ILE A 230 4.10 12.23 27.35
C ILE A 230 5.13 12.54 26.23
N MET A 231 4.62 12.60 25.01
CA MET A 231 5.43 12.80 23.83
C MET A 231 6.18 14.12 23.93
N ALA A 232 5.50 15.16 24.38
CA ALA A 232 6.11 16.46 24.50
C ALA A 232 6.92 16.50 25.80
N GLN A 233 6.44 15.79 26.81
CA GLN A 233 7.08 15.86 28.11
C GLN A 233 8.51 15.34 28.01
N PHE A 234 8.70 14.33 27.17
CA PHE A 234 9.92 13.56 27.12
C PHE A 234 10.71 13.80 25.86
N SER A 235 10.29 14.77 25.07
CA SER A 235 11.07 15.11 23.88
C SER A 235 11.78 16.45 24.04
N GLN A 236 12.15 16.71 25.29
CA GLN A 236 13.05 17.79 25.69
C GLN A 236 13.93 17.27 26.85
N TYR A 237 15.17 17.76 26.95
CA TYR A 237 16.02 17.29 28.02
C TYR A 237 16.62 18.49 28.79
N PRO A 238 16.64 18.40 30.14
CA PRO A 238 16.20 17.29 30.99
C PRO A 238 14.70 17.12 30.95
N PHE A 239 14.20 15.96 31.36
CA PHE A 239 12.76 15.69 31.28
C PHE A 239 11.94 16.60 32.17
N ASP A 240 10.87 17.18 31.62
CA ASP A 240 9.95 17.95 32.46
C ASP A 240 9.08 17.08 33.38
N LEU A 241 9.64 16.70 34.53
CA LEU A 241 8.93 15.81 35.44
C LEU A 241 8.15 16.54 36.54
N GLU A 242 7.92 17.84 36.34
CA GLU A 242 7.25 18.64 37.38
C GLU A 242 5.89 19.14 36.93
N LYS A 243 5.65 19.17 35.61
CA LYS A 243 4.33 19.54 35.04
C LYS A 243 3.32 18.37 35.15
N GLU A 244 2.27 18.53 35.98
CA GLU A 244 1.28 17.44 36.23
C GLU A 244 0.11 17.44 35.20
N THR A 245 -0.68 16.36 35.14
CA THR A 245 -1.69 16.26 34.05
C THR A 245 -3.14 16.50 34.42
N GLU A 246 -3.86 17.25 33.58
CA GLU A 246 -5.26 17.60 33.87
C GLU A 246 -6.28 16.60 33.24
N LEU A 247 -5.78 15.46 32.78
CA LEU A 247 -6.64 14.41 32.23
C LEU A 247 -6.93 13.35 33.30
N GLY A 248 -6.32 13.49 34.47
CA GLY A 248 -6.53 12.54 35.54
C GLY A 248 -6.38 11.09 35.11
N VAL A 249 -5.23 10.80 34.49
CA VAL A 249 -4.84 9.46 34.00
C VAL A 249 -3.34 9.33 34.22
N SER A 250 -2.89 8.19 34.72
CA SER A 250 -1.47 8.03 35.05
C SER A 250 -0.96 9.33 35.66
N VAL A 251 -1.67 9.75 36.72
CA VAL A 251 -1.33 10.97 37.46
C VAL A 251 0.01 10.84 38.21
N ASN A 252 0.39 9.60 38.53
CA ASN A 252 1.66 9.32 39.15
C ASN A 252 2.86 9.10 38.21
N LEU A 253 2.66 9.19 36.88
CA LEU A 253 3.77 8.95 35.93
C LEU A 253 5.04 9.72 36.33
N ASN A 254 4.94 11.05 36.44
CA ASN A 254 6.00 11.91 36.98
C ASN A 254 6.73 11.40 38.25
N LYS A 255 6.01 11.25 39.36
CA LYS A 255 6.62 10.72 40.58
C LYS A 255 7.42 9.47 40.26
N GLU A 256 6.84 8.61 39.43
CA GLU A 256 7.42 7.29 39.21
C GLU A 256 8.67 7.30 38.32
N VAL A 257 8.68 8.14 37.28
CA VAL A 257 9.84 8.29 36.41
C VAL A 257 10.94 8.90 37.25
N LYS A 258 10.61 9.94 38.02
CA LYS A 258 11.61 10.60 38.90
C LYS A 258 12.34 9.54 39.73
N GLU A 259 11.56 8.72 40.46
CA GLU A 259 12.10 7.57 41.23
C GLU A 259 12.92 6.63 40.35
N GLU A 260 12.41 6.27 39.18
CA GLU A 260 13.14 5.40 38.24
C GLU A 260 14.51 6.00 37.88
N ILE A 261 14.56 7.32 37.72
CA ILE A 261 15.82 8.00 37.37
C ILE A 261 16.75 8.21 38.60
N GLU A 262 16.18 8.54 39.76
CA GLU A 262 16.96 8.72 41.03
C GLU A 262 17.76 7.44 41.38
N ASN A 263 17.07 6.30 41.50
CA ASN A 263 17.76 5.01 41.37
C ASN A 263 18.35 4.93 39.99
N ASN A 264 19.41 4.16 39.80
CA ASN A 264 20.03 4.11 38.48
C ASN A 264 20.59 5.48 37.96
N PRO A 265 21.46 6.17 38.76
CA PRO A 265 22.00 7.43 38.25
C PRO A 265 23.21 7.20 37.35
N GLY A 266 23.72 8.26 36.74
CA GLY A 266 24.86 8.12 35.84
C GLY A 266 24.59 8.04 34.34
N HIS A 267 23.35 7.87 33.92
CA HIS A 267 23.05 7.78 32.49
C HIS A 267 22.38 9.02 31.91
N ASP A 268 22.70 10.17 32.48
CA ASP A 268 22.24 11.43 31.92
C ASP A 268 22.53 11.53 30.44
N LEU A 269 23.74 11.16 30.02
CA LEU A 269 24.13 11.35 28.63
C LEU A 269 23.49 10.28 27.72
N GLN A 270 22.87 9.29 28.34
CA GLN A 270 22.15 8.27 27.61
C GLN A 270 20.66 8.57 27.45
N LEU A 271 20.03 8.92 28.56
CA LEU A 271 18.66 9.39 28.55
C LEU A 271 18.46 10.50 27.51
N GLU A 272 19.35 11.49 27.49
CA GLU A 272 19.28 12.52 26.44
C GLU A 272 19.07 11.95 25.01
N VAL A 273 19.84 10.91 24.61
CA VAL A 273 19.65 10.29 23.29
C VAL A 273 18.21 9.87 23.16
N ILE A 274 17.69 9.18 24.18
CA ILE A 274 16.29 8.81 24.19
C ILE A 274 15.37 10.02 23.86
N ALA A 275 15.45 11.08 24.66
CA ALA A 275 14.68 12.32 24.41
C ALA A 275 14.86 12.86 22.99
N GLY A 276 16.07 12.73 22.45
CA GLY A 276 16.28 13.07 21.06
C GLY A 276 15.44 12.24 20.11
N VAL A 277 15.37 10.93 20.34
CA VAL A 277 14.68 10.06 19.39
C VAL A 277 13.20 10.34 19.47
N PHE A 278 12.71 10.43 20.70
CA PHE A 278 11.35 10.89 21.00
C PHE A 278 11.05 12.17 20.23
N GLU A 279 12.04 13.01 19.98
CA GLU A 279 11.73 14.22 19.20
C GLU A 279 11.45 13.85 17.75
N VAL A 280 12.23 12.94 17.18
CA VAL A 280 11.97 12.39 15.85
C VAL A 280 10.54 11.82 15.76
N PHE A 281 10.18 11.03 16.76
CA PHE A 281 8.86 10.48 16.85
C PHE A 281 7.80 11.58 16.68
N SER A 282 7.95 12.67 17.44
CA SER A 282 7.08 13.85 17.32
C SER A 282 6.92 14.45 15.92
N ARG A 283 7.97 14.39 15.10
CA ARG A 283 7.92 15.12 13.86
C ARG A 283 7.51 14.22 12.66
N MET A 284 7.00 13.01 12.98
CA MET A 284 6.75 11.96 11.96
C MET A 284 5.71 12.16 10.83
N ASP A 285 4.79 13.12 10.99
CA ASP A 285 3.87 13.51 9.90
C ASP A 285 4.56 14.01 8.62
N MET A 286 5.81 14.45 8.77
CA MET A 286 6.60 15.17 7.76
C MET A 286 7.38 14.30 6.74
N ILE B 5 7.25 -23.60 -35.23
CA ILE B 5 6.71 -23.08 -36.53
C ILE B 5 5.17 -23.27 -36.64
N ASN B 6 4.73 -24.49 -36.24
CA ASN B 6 3.33 -25.02 -36.34
C ASN B 6 2.85 -25.60 -34.99
N ILE B 7 3.71 -25.50 -33.97
CA ILE B 7 3.40 -25.79 -32.57
C ILE B 7 3.17 -24.43 -31.89
N PRO B 8 2.14 -24.28 -31.03
CA PRO B 8 1.72 -23.00 -30.47
C PRO B 8 2.60 -22.47 -29.33
N THR B 9 2.35 -21.26 -28.85
CA THR B 9 3.19 -20.69 -27.80
C THR B 9 3.09 -21.40 -26.45
N LEU B 10 1.87 -21.74 -26.02
CA LEU B 10 1.68 -22.33 -24.69
C LEU B 10 1.46 -23.83 -24.77
N THR B 11 2.03 -24.57 -23.82
CA THR B 11 1.66 -25.97 -23.62
C THR B 11 0.28 -26.08 -22.98
N LEU B 12 -0.42 -27.17 -23.28
CA LEU B 12 -1.72 -27.44 -22.67
C LEU B 12 -1.64 -27.32 -21.15
N MET B 13 -0.47 -27.59 -20.59
CA MET B 13 -0.29 -27.60 -19.15
C MET B 13 -0.17 -26.19 -18.59
N GLU B 14 0.38 -25.29 -19.41
CA GLU B 14 0.29 -23.85 -19.14
C GLU B 14 -1.16 -23.41 -19.26
N GLU B 15 -1.86 -24.00 -20.22
CA GLU B 15 -3.22 -23.60 -20.51
C GLU B 15 -4.09 -24.15 -19.42
N VAL B 16 -3.80 -25.37 -18.98
CA VAL B 16 -4.63 -25.91 -17.91
C VAL B 16 -4.39 -25.08 -16.64
N LEU B 17 -3.14 -24.82 -16.32
CA LEU B 17 -2.83 -23.97 -15.19
C LEU B 17 -3.57 -22.63 -15.31
N LEU B 18 -3.43 -21.95 -16.45
CA LEU B 18 -4.19 -20.71 -16.68
C LEU B 18 -5.69 -20.80 -16.38
N MET B 19 -6.33 -21.94 -16.67
CA MET B 19 -7.75 -22.13 -16.36
C MET B 19 -7.95 -22.05 -14.88
N GLY B 20 -6.84 -22.09 -14.13
CA GLY B 20 -6.91 -22.17 -12.67
C GLY B 20 -6.94 -20.83 -11.94
N LEU B 21 -6.69 -19.72 -12.64
CA LEU B 21 -6.54 -18.42 -12.01
C LEU B 21 -7.78 -17.57 -12.20
N ARG B 22 -7.93 -16.52 -11.39
CA ARG B 22 -8.94 -15.46 -11.67
C ARG B 22 -8.32 -14.49 -12.64
N ASP B 23 -9.16 -13.72 -13.33
CA ASP B 23 -8.73 -12.92 -14.50
C ASP B 23 -7.53 -11.99 -14.29
N ARG B 24 -7.50 -11.26 -13.18
CA ARG B 24 -6.46 -10.22 -12.98
C ARG B 24 -5.45 -10.63 -11.90
N GLU B 25 -5.99 -10.93 -10.74
CA GLU B 25 -5.21 -11.42 -9.63
C GLU B 25 -6.11 -12.47 -8.92
N GLY B 26 -5.51 -13.23 -8.03
CA GLY B 26 -6.24 -14.20 -7.20
C GLY B 26 -6.39 -15.52 -7.90
N TYR B 27 -6.95 -16.49 -7.20
CA TYR B 27 -7.16 -17.79 -7.78
C TYR B 27 -8.59 -18.30 -7.57
N LEU B 28 -8.98 -19.26 -8.41
CA LEU B 28 -10.30 -19.91 -8.37
C LEU B 28 -10.19 -21.32 -7.77
N SER B 29 -8.95 -21.71 -7.42
CA SER B 29 -8.64 -23.09 -7.06
C SER B 29 -7.54 -23.14 -6.03
N PHE B 30 -7.72 -24.01 -5.04
CA PHE B 30 -6.62 -24.34 -4.14
C PHE B 30 -5.90 -25.50 -4.85
N TRP B 31 -4.58 -25.44 -4.97
CA TRP B 31 -3.82 -26.48 -5.70
C TRP B 31 -4.03 -27.85 -5.06
N ASN B 32 -4.00 -28.91 -5.87
CA ASN B 32 -4.35 -30.25 -5.40
C ASN B 32 -3.86 -31.40 -6.30
N ASP B 33 -4.26 -32.63 -5.97
CA ASP B 33 -3.70 -33.80 -6.67
C ASP B 33 -4.26 -34.03 -8.06
N SER B 34 -5.48 -33.54 -8.31
CA SER B 34 -6.13 -33.70 -9.60
C SER B 34 -5.46 -32.85 -10.68
N ILE B 35 -5.51 -31.53 -10.52
CA ILE B 35 -4.76 -30.64 -11.39
C ILE B 35 -3.33 -31.19 -11.59
N SER B 36 -2.68 -31.62 -10.51
CA SER B 36 -1.31 -32.17 -10.58
C SER B 36 -1.18 -33.40 -11.51
N TYR B 37 -2.07 -34.37 -11.33
CA TYR B 37 -2.07 -35.59 -12.12
C TYR B 37 -2.32 -35.22 -13.59
N ALA B 38 -3.38 -34.48 -13.84
CA ALA B 38 -3.74 -34.06 -15.20
C ALA B 38 -2.56 -33.41 -15.93
N LEU B 39 -1.79 -32.59 -15.24
CA LEU B 39 -0.72 -31.88 -15.92
C LEU B 39 0.30 -32.84 -16.49
N ARG B 40 0.45 -34.02 -15.86
CA ARG B 40 1.35 -35.07 -16.36
C ARG B 40 0.82 -35.68 -17.67
N GLY B 41 -0.50 -35.86 -17.69
CA GLY B 41 -1.20 -36.34 -18.87
C GLY B 41 -0.88 -35.37 -19.96
N CYS B 42 -1.10 -34.11 -19.65
CA CYS B 42 -0.77 -33.04 -20.54
C CYS B 42 0.62 -33.15 -21.13
N ILE B 43 1.62 -33.44 -20.30
CA ILE B 43 2.99 -33.59 -20.80
C ILE B 43 3.10 -34.61 -21.98
N ILE B 44 2.48 -35.77 -21.76
CA ILE B 44 2.29 -36.80 -22.79
C ILE B 44 1.56 -36.28 -24.04
N ILE B 45 0.29 -35.91 -23.89
CA ILE B 45 -0.47 -35.45 -25.05
C ILE B 45 0.43 -34.55 -25.86
N GLU B 46 1.21 -33.75 -25.15
CA GLU B 46 2.05 -32.78 -25.80
C GLU B 46 3.20 -33.50 -26.54
N LEU B 47 3.92 -34.34 -25.81
CA LEU B 47 5.01 -35.14 -26.39
C LEU B 47 4.59 -35.97 -27.61
N ALA B 48 3.34 -36.46 -27.61
CA ALA B 48 2.79 -37.15 -28.77
C ALA B 48 2.62 -36.16 -29.89
N LEU B 49 1.86 -35.09 -29.63
CA LEU B 49 1.61 -34.02 -30.61
C LEU B 49 2.85 -33.41 -31.25
N ARG B 50 4.00 -33.55 -30.61
CA ARG B 50 5.20 -32.91 -31.12
C ARG B 50 6.04 -33.86 -31.97
N GLY B 51 5.52 -35.07 -32.15
CA GLY B 51 6.21 -36.10 -32.90
C GLY B 51 7.47 -36.50 -32.16
N LYS B 52 7.28 -36.80 -30.88
CA LYS B 52 8.35 -37.21 -29.97
C LYS B 52 8.09 -38.61 -29.41
N ILE B 53 6.85 -39.09 -29.53
CA ILE B 53 6.48 -40.43 -29.08
C ILE B 53 5.33 -41.02 -29.92
N ARG B 54 5.40 -42.32 -30.19
CA ARG B 54 4.29 -43.07 -30.81
C ARG B 54 3.99 -44.18 -29.83
N ILE B 55 2.88 -44.91 -30.02
CA ILE B 55 2.71 -46.21 -29.32
C ILE B 55 3.60 -47.24 -30.03
N LEU B 56 4.02 -48.29 -29.31
CA LEU B 56 4.89 -49.34 -29.84
C LEU B 56 4.04 -50.20 -30.75
N ASP B 57 4.43 -50.27 -32.02
CA ASP B 57 3.56 -50.91 -33.05
C ASP B 57 3.51 -52.46 -33.02
N ASP B 58 2.82 -52.98 -32.00
CA ASP B 58 2.79 -54.40 -31.66
C ASP B 58 1.33 -54.88 -31.65
N SER B 59 1.14 -56.17 -31.91
CA SER B 59 -0.21 -56.72 -32.00
C SER B 59 -0.72 -57.01 -30.62
N ALA B 60 0.17 -57.46 -29.74
CA ALA B 60 -0.19 -57.80 -28.35
C ALA B 60 -1.03 -56.65 -27.74
N ARG B 61 -0.67 -55.40 -28.10
CA ARG B 61 -1.38 -54.21 -27.63
C ARG B 61 -2.90 -54.25 -27.75
N LYS B 62 -3.43 -54.77 -28.86
CA LYS B 62 -4.88 -54.76 -29.10
C LYS B 62 -5.65 -55.58 -28.03
N ARG B 63 -4.94 -56.38 -27.25
CA ARG B 63 -5.56 -57.18 -26.18
C ARG B 63 -5.55 -56.43 -24.85
N PHE B 64 -5.17 -55.15 -24.90
CA PHE B 64 -4.89 -54.34 -23.72
C PHE B 64 -5.54 -52.98 -23.82
N ASP B 65 -5.99 -52.46 -22.67
CA ASP B 65 -6.55 -51.11 -22.60
C ASP B 65 -5.57 -50.06 -23.10
N LEU B 66 -6.10 -49.08 -23.83
CA LEU B 66 -5.30 -48.01 -24.43
C LEU B 66 -4.25 -47.41 -23.49
N SER B 67 -4.61 -47.29 -22.22
CA SER B 67 -3.71 -46.73 -21.23
C SER B 67 -2.63 -47.70 -20.73
N GLU B 68 -2.86 -49.02 -20.87
CA GLU B 68 -1.82 -50.00 -20.54
C GLU B 68 -0.88 -50.34 -21.69
N ARG B 69 -1.05 -49.66 -22.82
CA ARG B 69 -0.16 -49.82 -23.95
C ARG B 69 1.15 -49.08 -23.76
N LEU B 70 2.22 -49.65 -24.32
CA LEU B 70 3.54 -49.08 -24.17
C LEU B 70 3.74 -47.98 -25.20
N ILE B 71 4.68 -47.08 -24.91
CA ILE B 71 5.07 -45.99 -25.82
C ILE B 71 6.57 -45.91 -25.99
N GLU B 72 6.93 -45.49 -27.18
CA GLU B 72 8.25 -45.59 -27.76
C GLU B 72 8.68 -44.16 -28.09
N VAL B 73 9.93 -43.85 -27.83
CA VAL B 73 10.43 -42.53 -28.13
C VAL B 73 10.88 -42.51 -29.56
N ILE B 74 10.11 -41.89 -30.46
CA ILE B 74 10.51 -41.80 -31.87
C ILE B 74 11.61 -40.77 -32.16
N ASP B 75 11.95 -39.95 -31.18
CA ASP B 75 12.91 -38.83 -31.32
C ASP B 75 13.01 -38.26 -29.92
N SER B 76 14.18 -37.68 -29.59
CA SER B 76 14.40 -37.15 -28.25
C SER B 76 15.12 -35.79 -28.29
N SER B 77 14.85 -34.97 -29.30
CA SER B 77 15.46 -33.62 -29.39
C SER B 77 14.70 -32.53 -28.61
N LYS B 78 15.45 -31.75 -27.81
CA LYS B 78 14.87 -30.72 -26.91
C LYS B 78 13.70 -29.88 -27.51
N THR B 79 12.67 -29.72 -26.70
CA THR B 79 11.47 -29.01 -27.12
C THR B 79 11.55 -27.54 -26.76
N GLY B 80 12.44 -27.19 -25.82
CA GLY B 80 12.47 -25.84 -25.28
C GLY B 80 11.54 -25.74 -24.09
N GLU B 81 10.53 -26.59 -24.07
CA GLU B 81 9.61 -26.68 -22.95
C GLU B 81 10.18 -27.61 -21.90
N VAL B 82 10.58 -27.02 -20.78
CA VAL B 82 11.45 -27.64 -19.78
C VAL B 82 10.87 -28.87 -19.08
N LEU B 83 9.55 -28.90 -18.90
CA LEU B 83 8.94 -30.08 -18.34
C LEU B 83 8.97 -31.18 -19.40
N LEU B 84 8.57 -30.86 -20.62
CA LEU B 84 8.62 -31.83 -21.73
C LEU B 84 10.01 -32.42 -21.86
N ASP B 85 11.03 -31.55 -21.80
CA ASP B 85 12.43 -31.97 -21.98
C ASP B 85 12.96 -32.94 -20.94
N GLU B 86 12.65 -32.69 -19.67
CA GLU B 86 13.01 -33.58 -18.59
C GLU B 86 12.32 -34.92 -18.69
N THR B 87 11.03 -34.93 -19.04
CA THR B 87 10.32 -36.19 -19.08
C THR B 87 10.79 -36.93 -20.33
N LEU B 88 11.12 -36.15 -21.36
CA LEU B 88 11.73 -36.73 -22.57
C LEU B 88 13.03 -37.47 -22.22
N GLN B 89 13.91 -36.79 -21.50
CA GLN B 89 15.13 -37.38 -20.97
C GLN B 89 14.96 -38.67 -20.15
N LEU B 90 13.93 -38.76 -19.29
CA LEU B 90 13.64 -40.02 -18.60
C LEU B 90 13.23 -41.10 -19.60
N MET B 91 12.32 -40.73 -20.50
CA MET B 91 11.85 -41.63 -21.54
C MET B 91 12.94 -42.18 -22.46
N LYS B 92 13.85 -41.31 -22.93
CA LYS B 92 14.99 -41.68 -23.80
C LYS B 92 15.69 -42.89 -23.18
N ASN B 93 16.26 -42.66 -22.02
CA ASN B 93 17.11 -43.63 -21.36
C ASN B 93 16.30 -44.65 -20.57
N ASP B 94 15.29 -45.24 -21.22
CA ASP B 94 14.44 -46.25 -20.55
C ASP B 94 13.67 -47.21 -21.50
N GLU B 95 13.32 -48.39 -20.98
CA GLU B 95 12.45 -49.32 -21.69
C GLU B 95 11.04 -48.78 -21.81
N PRO B 96 10.38 -49.09 -22.94
CA PRO B 96 8.99 -48.68 -23.16
C PRO B 96 8.09 -49.08 -21.99
N LEU B 97 7.32 -48.12 -21.48
CA LEU B 97 6.32 -48.40 -20.46
C LEU B 97 4.93 -47.99 -20.92
N SER B 98 3.91 -48.43 -20.18
CA SER B 98 2.55 -48.04 -20.46
C SER B 98 2.37 -46.51 -20.33
N ILE B 99 1.45 -45.94 -21.10
CA ILE B 99 1.21 -44.51 -20.96
C ILE B 99 0.74 -44.27 -19.54
N SER B 100 -0.16 -45.13 -19.07
CA SER B 100 -0.73 -44.96 -17.74
C SER B 100 0.40 -44.98 -16.72
N ASN B 101 1.33 -45.89 -16.95
CA ASN B 101 2.53 -46.01 -16.16
C ASN B 101 3.36 -44.74 -16.00
N TRP B 102 3.63 -44.06 -17.10
CA TRP B 102 4.46 -42.86 -17.09
C TRP B 102 3.82 -41.74 -16.28
N ILE B 103 2.54 -41.50 -16.54
CA ILE B 103 1.81 -40.49 -15.83
C ILE B 103 1.99 -40.71 -14.32
N ASP B 104 1.80 -41.96 -13.89
CA ASP B 104 1.98 -42.36 -12.49
C ASP B 104 3.39 -42.07 -12.00
N LEU B 105 4.37 -42.67 -12.65
CA LEU B 105 5.76 -42.32 -12.42
C LEU B 105 5.99 -40.80 -12.30
N LEU B 106 5.64 -40.07 -13.36
CA LEU B 106 5.92 -38.62 -13.43
C LEU B 106 5.30 -37.77 -12.33
N SER B 107 4.11 -38.16 -11.88
CA SER B 107 3.44 -37.45 -10.81
C SER B 107 3.69 -38.14 -9.47
N GLY B 108 4.57 -39.14 -9.48
CA GLY B 108 4.93 -39.85 -8.24
C GLY B 108 3.80 -40.60 -7.56
N GLU B 109 2.93 -41.23 -8.35
CA GLU B 109 1.86 -42.08 -7.82
C GLU B 109 2.24 -43.53 -7.61
N THR B 110 3.16 -44.03 -8.43
CA THR B 110 3.73 -45.37 -8.23
C THR B 110 5.14 -45.24 -7.67
N TRP B 111 5.69 -46.36 -7.23
CA TRP B 111 7.04 -46.39 -6.69
C TRP B 111 7.90 -47.44 -7.38
N ASN B 112 9.10 -47.03 -7.79
CA ASN B 112 10.04 -47.93 -8.47
C ASN B 112 11.41 -47.64 -7.89
N LEU B 113 12.02 -48.66 -7.31
CA LEU B 113 13.31 -48.52 -6.62
C LEU B 113 14.45 -48.22 -7.59
N LEU B 114 14.26 -48.64 -8.84
CA LEU B 114 15.20 -48.46 -9.97
C LEU B 114 15.08 -47.05 -10.60
N LYS B 115 14.06 -46.30 -10.15
CA LYS B 115 13.56 -45.10 -10.79
C LYS B 115 12.89 -44.24 -9.72
N ILE B 116 13.66 -43.68 -8.80
CA ILE B 116 13.05 -43.02 -7.61
C ILE B 116 13.10 -41.47 -7.60
N ASN B 117 13.87 -40.87 -8.51
CA ASN B 117 13.84 -39.42 -8.76
C ASN B 117 13.30 -39.21 -10.18
N TYR B 118 12.09 -39.72 -10.40
CA TYR B 118 11.41 -39.74 -11.71
C TYR B 118 10.22 -38.80 -11.71
N GLN B 119 9.76 -38.47 -10.52
CA GLN B 119 8.69 -37.51 -10.32
C GLN B 119 9.18 -36.11 -10.64
N LEU B 120 8.45 -35.43 -11.51
CA LEU B 120 8.72 -34.04 -11.79
C LEU B 120 8.35 -33.27 -10.52
N LYS B 121 9.24 -32.39 -10.10
CA LYS B 121 9.01 -31.63 -8.89
C LYS B 121 9.16 -30.16 -9.27
N GLN B 122 8.81 -29.25 -8.36
CA GLN B 122 8.83 -27.78 -8.59
C GLN B 122 8.15 -27.49 -9.93
N VAL B 123 6.96 -28.07 -10.08
CA VAL B 123 6.16 -28.00 -11.32
C VAL B 123 5.54 -26.63 -11.48
N ARG B 124 4.63 -26.29 -10.57
CA ARG B 124 4.07 -24.95 -10.41
C ARG B 124 5.05 -23.82 -10.77
N GLU B 125 6.16 -23.79 -10.06
CA GLU B 125 7.15 -22.72 -10.16
C GLU B 125 7.74 -22.65 -11.54
N ARG B 126 8.26 -23.77 -12.04
CA ARG B 126 8.72 -23.81 -13.43
C ARG B 126 7.63 -23.40 -14.44
N LEU B 127 6.39 -23.82 -14.19
CA LEU B 127 5.31 -23.51 -15.12
C LEU B 127 5.03 -22.03 -15.20
N ALA B 128 5.07 -21.36 -14.04
CA ALA B 128 4.82 -19.92 -13.97
C ALA B 128 5.97 -19.16 -14.64
N LYS B 129 7.22 -19.53 -14.34
CA LYS B 129 8.36 -18.87 -14.96
C LYS B 129 8.13 -18.88 -16.48
N GLY B 130 7.72 -20.04 -16.99
CA GLY B 130 7.44 -20.18 -18.40
C GLY B 130 6.47 -19.10 -18.76
N LEU B 131 5.32 -19.12 -18.09
CA LEU B 131 4.23 -18.20 -18.35
C LEU B 131 4.63 -16.74 -18.27
N VAL B 132 5.61 -16.43 -17.43
CA VAL B 132 6.12 -15.08 -17.28
C VAL B 132 7.02 -14.73 -18.44
N ASP B 133 7.90 -15.66 -18.80
CA ASP B 133 8.83 -15.49 -19.90
C ASP B 133 8.09 -15.30 -21.21
N LYS B 134 6.93 -15.93 -21.34
CA LYS B 134 6.20 -15.93 -22.60
C LYS B 134 5.29 -14.71 -22.70
N GLY B 135 5.16 -13.98 -21.60
CA GLY B 135 4.51 -12.67 -21.61
C GLY B 135 3.10 -12.72 -21.05
N VAL B 136 2.69 -13.89 -20.59
CA VAL B 136 1.27 -14.17 -20.37
C VAL B 136 0.87 -13.83 -18.94
N LEU B 137 1.85 -13.70 -18.06
CA LEU B 137 1.71 -12.85 -16.88
C LEU B 137 3.05 -12.26 -16.47
N ARG B 138 3.03 -11.39 -15.46
CA ARG B 138 4.19 -10.56 -15.14
C ARG B 138 4.48 -10.87 -13.67
N THR B 139 5.35 -10.06 -13.06
CA THR B 139 5.78 -10.32 -11.69
C THR B 139 5.89 -9.09 -10.75
N GLU B 140 4.93 -8.97 -9.81
CA GLU B 140 4.83 -7.86 -8.82
C GLU B 140 5.27 -8.28 -7.42
N MET B 141 6.29 -7.61 -6.85
CA MET B 141 6.61 -7.76 -5.40
C MET B 141 5.50 -7.16 -4.56
N LYS B 142 5.02 -7.93 -3.60
CA LYS B 142 4.04 -7.43 -2.66
C LYS B 142 4.80 -7.34 -1.35
N ASN B 143 4.49 -6.33 -0.55
CA ASN B 143 5.17 -6.09 0.71
C ASN B 143 4.28 -6.36 1.92
N PHE B 144 4.09 -7.64 2.23
CA PHE B 144 3.38 -8.03 3.43
C PHE B 144 4.15 -7.65 4.68
N PHE B 145 3.57 -7.95 5.84
CA PHE B 145 3.93 -7.26 7.08
C PHE B 145 5.15 -7.91 7.73
N LEU B 146 5.47 -9.12 7.30
CA LEU B 146 6.62 -9.84 7.83
C LEU B 146 7.60 -10.29 6.77
N PHE B 147 7.29 -10.10 5.49
CA PHE B 147 8.21 -10.48 4.41
C PHE B 147 7.80 -9.88 3.07
N ASP B 148 8.65 -10.08 2.07
CA ASP B 148 8.31 -9.75 0.69
C ASP B 148 7.92 -11.04 0.00
N MET B 149 7.11 -10.94 -1.02
CA MET B 149 6.66 -12.14 -1.74
C MET B 149 6.46 -11.76 -3.21
N ALA B 150 7.01 -12.59 -4.10
CA ALA B 150 6.86 -12.34 -5.53
C ALA B 150 5.58 -12.98 -6.05
N THR B 151 4.67 -12.17 -6.57
CA THR B 151 3.42 -12.71 -7.12
C THR B 151 3.36 -12.53 -8.63
N HIS B 152 2.38 -13.16 -9.26
CA HIS B 152 2.36 -13.19 -10.71
C HIS B 152 0.98 -12.87 -11.28
N PRO B 153 0.63 -11.58 -11.33
CA PRO B 153 -0.69 -11.31 -11.90
C PRO B 153 -0.64 -11.45 -13.42
N ILE B 154 -1.78 -11.75 -14.03
CA ILE B 154 -1.87 -11.78 -15.49
C ILE B 154 -1.33 -10.49 -16.15
N ALA B 155 -0.55 -10.64 -17.19
CA ALA B 155 -0.09 -9.50 -17.93
C ALA B 155 -0.98 -9.33 -19.15
N ASP B 156 -0.96 -10.30 -20.03
CA ASP B 156 -1.78 -10.25 -21.21
C ASP B 156 -3.09 -10.95 -20.87
N ALA B 157 -4.16 -10.21 -20.79
CA ALA B 157 -5.42 -10.78 -20.36
C ALA B 157 -6.17 -11.48 -21.52
N SER B 158 -5.76 -11.19 -22.75
CA SER B 158 -6.48 -11.66 -23.91
C SER B 158 -6.11 -13.11 -24.19
N CYS B 159 -4.89 -13.49 -23.82
CA CYS B 159 -4.44 -14.89 -23.86
C CYS B 159 -5.48 -15.82 -23.24
N LYS B 160 -5.88 -15.52 -22.01
CA LYS B 160 -6.82 -16.34 -21.27
C LYS B 160 -8.27 -16.23 -21.81
N GLU B 161 -8.59 -15.11 -22.46
CA GLU B 161 -9.89 -14.92 -23.12
C GLU B 161 -9.98 -15.75 -24.37
N ALA B 162 -8.90 -15.74 -25.15
CA ALA B 162 -8.78 -16.59 -26.33
C ALA B 162 -9.19 -18.02 -25.99
N ILE B 163 -8.63 -18.52 -24.88
CA ILE B 163 -8.89 -19.85 -24.39
C ILE B 163 -10.34 -20.04 -23.97
N LYS B 164 -10.85 -19.17 -23.09
CA LYS B 164 -12.26 -19.31 -22.64
C LYS B 164 -13.13 -19.36 -23.89
N ARG B 165 -12.84 -18.47 -24.83
CA ARG B 165 -13.55 -18.49 -26.09
C ARG B 165 -13.51 -19.86 -26.83
N ARG B 166 -12.34 -20.48 -26.96
CA ARG B 166 -12.24 -21.81 -27.65
C ARG B 166 -13.08 -22.84 -26.94
N VAL B 167 -12.78 -23.08 -25.67
CA VAL B 167 -13.54 -23.99 -24.84
C VAL B 167 -15.03 -23.79 -25.04
N LEU B 168 -15.46 -22.56 -24.84
CA LEU B 168 -16.85 -22.16 -24.96
C LEU B 168 -17.43 -22.43 -26.35
N SER B 169 -16.58 -22.22 -27.36
CA SER B 169 -16.93 -22.42 -28.75
C SER B 169 -17.31 -23.87 -29.03
N VAL B 170 -16.77 -24.83 -28.29
CA VAL B 170 -17.12 -26.22 -28.51
C VAL B 170 -18.11 -26.79 -27.49
N LEU B 171 -18.16 -26.20 -26.29
CA LEU B 171 -19.05 -26.70 -25.23
C LEU B 171 -20.37 -25.92 -25.04
N VAL B 172 -20.59 -24.86 -25.82
CA VAL B 172 -21.77 -24.03 -25.57
C VAL B 172 -22.45 -23.63 -26.88
N SER B 173 -21.70 -23.11 -27.85
CA SER B 173 -22.32 -22.72 -29.13
C SER B 173 -22.74 -23.93 -30.00
N ARG B 174 -23.79 -23.75 -30.84
CA ARG B 174 -24.35 -24.82 -31.68
C ARG B 174 -23.37 -25.21 -32.78
N ASN B 175 -22.93 -24.22 -33.53
CA ASN B 175 -21.87 -24.49 -34.47
C ASN B 175 -20.56 -24.06 -33.89
N MET B 176 -19.48 -24.68 -34.37
CA MET B 176 -18.16 -24.44 -33.80
C MET B 176 -17.27 -23.69 -34.81
N GLU B 177 -16.95 -22.44 -34.48
CA GLU B 177 -15.96 -21.72 -35.27
C GLU B 177 -14.84 -21.25 -34.33
N LEU B 178 -13.76 -22.04 -34.27
CA LEU B 178 -12.57 -21.75 -33.45
C LEU B 178 -12.02 -20.41 -33.83
N SER B 179 -11.67 -19.61 -32.83
CA SER B 179 -11.27 -18.23 -33.04
C SER B 179 -9.79 -18.18 -32.76
N TYR B 180 -8.99 -17.88 -33.77
CA TYR B 180 -7.51 -17.93 -33.63
C TYR B 180 -6.87 -16.60 -33.20
N ASN B 181 -5.65 -16.69 -32.65
CA ASN B 181 -4.95 -15.57 -32.03
C ASN B 181 -3.43 -15.66 -32.20
N GLU B 182 -2.71 -14.63 -31.72
CA GLU B 182 -1.23 -14.58 -31.75
C GLU B 182 -0.60 -15.78 -31.03
N TYR B 183 -1.23 -16.22 -29.93
CA TYR B 183 -0.83 -17.42 -29.17
C TYR B 183 -1.16 -18.80 -29.81
N PHE B 184 -2.31 -18.88 -30.48
CA PHE B 184 -2.83 -20.10 -31.06
C PHE B 184 -3.23 -19.75 -32.49
N PRO B 185 -2.23 -19.69 -33.40
CA PRO B 185 -2.47 -19.35 -34.81
C PRO B 185 -3.34 -20.35 -35.53
N GLU B 186 -3.98 -19.90 -36.60
CA GLU B 186 -4.75 -20.78 -37.48
C GLU B 186 -3.91 -21.89 -38.13
N THR B 187 -2.62 -21.62 -38.32
CA THR B 187 -1.72 -22.60 -38.89
C THR B 187 -1.19 -23.65 -37.91
N THR B 188 -1.73 -23.71 -36.69
CA THR B 188 -1.23 -24.72 -35.74
C THR B 188 -1.88 -26.08 -35.97
N SER B 189 -1.05 -27.11 -36.07
CA SER B 189 -1.50 -28.43 -36.51
C SER B 189 -2.29 -29.12 -35.41
N PHE B 190 -3.28 -29.92 -35.81
CA PHE B 190 -4.33 -30.36 -34.89
C PHE B 190 -4.86 -29.21 -34.05
N LYS B 191 -5.30 -28.15 -34.72
CA LYS B 191 -6.00 -27.06 -34.06
C LYS B 191 -7.07 -27.59 -33.10
N ILE B 192 -8.00 -28.39 -33.64
CA ILE B 192 -9.15 -28.82 -32.88
C ILE B 192 -8.87 -29.95 -31.85
N ILE B 193 -7.96 -30.89 -32.17
CA ILE B 193 -7.59 -31.93 -31.20
C ILE B 193 -7.12 -31.31 -29.90
N ARG B 194 -6.18 -30.37 -30.02
CA ARG B 194 -5.60 -29.65 -28.87
C ARG B 194 -6.66 -28.92 -28.04
N THR B 195 -7.61 -28.31 -28.74
CA THR B 195 -8.72 -27.69 -28.08
C THR B 195 -9.42 -28.78 -27.28
N LEU B 196 -9.70 -29.93 -27.92
CA LEU B 196 -10.32 -31.06 -27.24
C LEU B 196 -9.48 -31.54 -26.07
N ALA B 197 -8.16 -31.59 -26.27
CA ALA B 197 -7.21 -32.04 -25.25
C ALA B 197 -7.26 -31.13 -24.02
N LEU B 198 -7.30 -29.83 -24.26
CA LEU B 198 -7.49 -28.85 -23.22
C LEU B 198 -8.78 -29.17 -22.45
N ILE B 199 -9.89 -29.28 -23.17
CA ILE B 199 -11.18 -29.54 -22.56
C ILE B 199 -11.14 -30.78 -21.66
N CYS B 200 -10.41 -31.80 -22.10
CA CYS B 200 -10.32 -33.04 -21.36
C CYS B 200 -9.33 -32.93 -20.18
N GLY B 201 -8.18 -32.32 -20.44
CA GLY B 201 -7.18 -32.06 -19.41
C GLY B 201 -7.85 -31.29 -18.29
N SER B 202 -8.45 -30.15 -18.66
CA SER B 202 -9.20 -29.27 -17.75
C SER B 202 -10.16 -30.03 -16.90
N TYR B 203 -10.99 -30.86 -17.52
CA TYR B 203 -11.99 -31.69 -16.84
C TYR B 203 -11.37 -32.58 -15.75
N GLY B 204 -10.38 -33.36 -16.15
CA GLY B 204 -9.68 -34.24 -15.24
C GLY B 204 -9.13 -33.41 -14.11
N ALA B 205 -8.58 -32.27 -14.46
CA ALA B 205 -7.95 -31.37 -13.51
C ALA B 205 -8.95 -30.66 -12.60
N ASN B 206 -10.23 -30.73 -12.94
CA ASN B 206 -11.30 -29.98 -12.24
C ASN B 206 -11.19 -28.47 -12.29
N VAL B 207 -10.71 -27.94 -13.39
CA VAL B 207 -10.76 -26.52 -13.58
C VAL B 207 -11.65 -26.17 -14.77
N LEU B 208 -12.32 -27.17 -15.34
CA LEU B 208 -13.13 -26.87 -16.51
C LEU B 208 -14.34 -26.03 -16.11
N GLU B 209 -14.97 -26.40 -14.99
CA GLU B 209 -16.19 -25.72 -14.52
C GLU B 209 -15.95 -24.21 -14.34
N ASN B 210 -14.69 -23.83 -14.11
CA ASN B 210 -14.28 -22.43 -13.94
C ASN B 210 -14.60 -21.51 -15.09
N VAL B 211 -14.54 -22.01 -16.30
CA VAL B 211 -14.87 -21.23 -17.49
C VAL B 211 -16.38 -21.14 -17.67
N LEU B 212 -17.12 -22.00 -16.97
CA LEU B 212 -18.57 -22.15 -17.20
C LEU B 212 -19.50 -21.40 -16.24
N THR B 213 -19.08 -21.26 -14.98
CA THR B 213 -19.81 -20.56 -13.89
C THR B 213 -20.60 -19.28 -14.23
N THR B 214 -20.20 -18.58 -15.27
CA THR B 214 -20.85 -17.34 -15.62
C THR B 214 -22.17 -17.56 -16.42
N LEU B 215 -22.23 -18.65 -17.22
CA LEU B 215 -23.37 -19.00 -18.12
C LEU B 215 -24.75 -19.23 -17.47
N GLU B 216 -25.78 -19.44 -18.30
CA GLU B 216 -27.07 -19.91 -17.82
C GLU B 216 -26.99 -21.36 -17.43
N TYR B 217 -27.94 -21.79 -16.61
CA TYR B 217 -27.93 -23.15 -16.06
C TYR B 217 -27.99 -24.30 -17.10
N GLU B 218 -28.91 -24.21 -18.08
CA GLU B 218 -28.98 -25.17 -19.19
C GLU B 218 -27.61 -25.23 -19.87
N LYS B 219 -27.08 -24.07 -20.25
CA LYS B 219 -25.79 -23.99 -20.92
C LYS B 219 -24.68 -24.70 -20.12
N ARG B 220 -24.65 -24.46 -18.81
CA ARG B 220 -23.61 -25.05 -17.91
C ARG B 220 -23.65 -26.57 -17.96
N ASP B 221 -24.85 -27.12 -17.76
CA ASP B 221 -25.10 -28.56 -17.79
C ASP B 221 -24.74 -29.17 -19.16
N LYS B 222 -25.30 -28.59 -20.23
CA LYS B 222 -25.06 -29.04 -21.59
C LYS B 222 -23.56 -29.07 -21.87
N ALA B 223 -22.85 -27.99 -21.50
CA ALA B 223 -21.37 -27.92 -21.60
C ALA B 223 -20.70 -29.12 -20.94
N ILE B 224 -21.04 -29.38 -19.69
CA ILE B 224 -20.41 -30.48 -19.00
C ILE B 224 -20.69 -31.84 -19.69
N SER B 225 -21.95 -32.11 -20.02
CA SER B 225 -22.34 -33.30 -20.76
C SER B 225 -21.53 -33.42 -22.04
N ARG B 226 -21.54 -32.37 -22.85
CA ARG B 226 -20.83 -32.34 -24.12
C ARG B 226 -19.35 -32.66 -23.94
N ALA B 227 -18.75 -32.17 -22.87
CA ALA B 227 -17.35 -32.45 -22.60
C ALA B 227 -17.20 -33.92 -22.26
N GLU B 228 -18.21 -34.49 -21.61
CA GLU B 228 -18.15 -35.89 -21.19
C GLU B 228 -18.26 -36.84 -22.39
N GLU B 229 -19.26 -36.60 -23.24
CA GLU B 229 -19.32 -37.16 -24.59
C GLU B 229 -17.96 -37.10 -25.28
N ILE B 230 -17.49 -35.89 -25.61
CA ILE B 230 -16.17 -35.69 -26.23
C ILE B 230 -15.09 -36.60 -25.62
N MET B 231 -15.09 -36.68 -24.30
CA MET B 231 -14.16 -37.52 -23.59
C MET B 231 -14.38 -39.01 -23.88
N ALA B 232 -15.60 -39.50 -23.63
CA ALA B 232 -15.97 -40.86 -24.04
C ALA B 232 -15.54 -41.13 -25.52
N GLN B 233 -15.97 -40.25 -26.43
CA GLN B 233 -15.65 -40.38 -27.84
C GLN B 233 -14.16 -40.59 -28.12
N PHE B 234 -13.32 -39.69 -27.63
CA PHE B 234 -11.92 -39.69 -28.01
C PHE B 234 -11.01 -40.47 -27.06
N SER B 235 -11.62 -41.22 -26.16
CA SER B 235 -10.82 -42.13 -25.37
C SER B 235 -10.81 -43.55 -25.98
N GLN B 236 -11.34 -43.70 -27.20
CA GLN B 236 -11.20 -44.95 -27.93
C GLN B 236 -10.60 -44.75 -29.34
N TYR B 237 -9.88 -45.76 -29.84
CA TYR B 237 -9.17 -45.60 -31.10
C TYR B 237 -9.37 -46.76 -32.10
N PRO B 238 -9.69 -46.44 -33.37
CA PRO B 238 -9.82 -45.08 -33.96
C PRO B 238 -11.07 -44.40 -33.46
N PHE B 239 -11.08 -43.08 -33.53
CA PHE B 239 -12.15 -42.30 -32.91
C PHE B 239 -13.48 -42.57 -33.60
N ASP B 240 -14.55 -42.70 -32.83
CA ASP B 240 -15.85 -42.82 -33.48
C ASP B 240 -16.32 -41.46 -33.95
N LEU B 241 -15.79 -40.98 -35.07
CA LEU B 241 -16.28 -39.75 -35.63
C LEU B 241 -17.62 -40.00 -36.32
N GLU B 242 -18.33 -41.04 -35.87
CA GLU B 242 -19.66 -41.34 -36.40
C GLU B 242 -20.78 -41.02 -35.42
N LYS B 243 -20.53 -41.30 -34.14
CA LYS B 243 -21.47 -41.02 -33.04
C LYS B 243 -21.96 -39.58 -33.17
N GLU B 244 -23.27 -39.36 -33.23
CA GLU B 244 -23.79 -37.99 -33.36
C GLU B 244 -24.32 -37.48 -32.02
N THR B 245 -24.26 -36.16 -31.80
CA THR B 245 -24.69 -35.56 -30.52
C THR B 245 -26.14 -35.05 -30.51
N GLU B 246 -26.95 -35.58 -29.59
CA GLU B 246 -28.33 -35.12 -29.45
C GLU B 246 -28.46 -33.83 -28.61
N LEU B 247 -27.31 -33.33 -28.12
CA LEU B 247 -27.23 -32.15 -27.24
C LEU B 247 -27.31 -30.82 -27.96
N GLY B 248 -27.19 -30.84 -29.29
CA GLY B 248 -27.39 -29.65 -30.10
C GLY B 248 -26.31 -28.62 -29.91
N VAL B 249 -25.21 -29.06 -29.32
CA VAL B 249 -24.05 -28.21 -29.11
C VAL B 249 -22.85 -28.78 -29.86
N SER B 250 -22.19 -27.95 -30.65
CA SER B 250 -20.91 -28.32 -31.22
C SER B 250 -21.13 -29.42 -32.22
N VAL B 251 -22.13 -29.22 -33.08
CA VAL B 251 -22.63 -30.26 -34.00
C VAL B 251 -21.76 -30.56 -35.25
N ASN B 252 -20.74 -29.75 -35.50
CA ASN B 252 -19.89 -29.93 -36.67
C ASN B 252 -18.57 -30.61 -36.32
N LEU B 253 -18.50 -31.12 -35.09
CA LEU B 253 -17.24 -31.61 -34.52
C LEU B 253 -16.65 -32.69 -35.40
N ASN B 254 -17.37 -33.80 -35.51
CA ASN B 254 -16.97 -34.92 -36.39
C ASN B 254 -16.44 -34.47 -37.75
N LYS B 255 -17.29 -33.78 -38.53
CA LYS B 255 -16.91 -33.26 -39.85
C LYS B 255 -15.54 -32.58 -39.78
N GLU B 256 -15.38 -31.66 -38.84
CA GLU B 256 -14.14 -30.90 -38.76
C GLU B 256 -12.93 -31.71 -38.32
N VAL B 257 -13.11 -32.51 -37.26
CA VAL B 257 -12.07 -33.42 -36.78
C VAL B 257 -11.61 -34.38 -37.90
N LYS B 258 -12.60 -35.03 -38.55
CA LYS B 258 -12.39 -35.83 -39.77
C LYS B 258 -11.53 -35.03 -40.75
N GLU B 259 -12.04 -33.86 -41.15
CA GLU B 259 -11.30 -33.02 -42.08
C GLU B 259 -9.87 -32.74 -41.56
N GLU B 260 -9.72 -32.66 -40.23
CA GLU B 260 -8.43 -32.31 -39.63
C GLU B 260 -7.46 -33.46 -39.75
N ILE B 261 -7.90 -34.69 -39.43
CA ILE B 261 -7.02 -35.85 -39.54
C ILE B 261 -6.71 -36.09 -41.02
N GLU B 262 -7.75 -35.96 -41.83
CA GLU B 262 -7.62 -36.06 -43.29
C GLU B 262 -6.61 -35.04 -43.78
N ASN B 263 -6.19 -34.10 -42.95
CA ASN B 263 -5.09 -33.22 -43.34
C ASN B 263 -3.75 -33.47 -42.66
N ASN B 264 -3.77 -34.29 -41.62
CA ASN B 264 -2.53 -34.78 -41.04
C ASN B 264 -2.46 -36.27 -41.21
N PRO B 265 -1.78 -36.72 -42.27
CA PRO B 265 -1.79 -38.15 -42.51
C PRO B 265 -0.59 -38.77 -41.84
N GLY B 266 -0.69 -40.07 -41.54
CA GLY B 266 0.41 -40.86 -40.96
C GLY B 266 0.80 -40.54 -39.52
N HIS B 267 -0.13 -39.94 -38.78
CA HIS B 267 0.05 -39.64 -37.36
C HIS B 267 -0.89 -40.48 -36.46
N ASP B 268 -1.14 -41.75 -36.79
CA ASP B 268 -2.07 -42.60 -36.03
C ASP B 268 -1.47 -43.19 -34.78
N LEU B 269 -0.15 -43.28 -34.78
CA LEU B 269 0.53 -43.87 -33.67
C LEU B 269 0.66 -42.87 -32.55
N GLN B 270 0.64 -41.60 -32.94
CA GLN B 270 0.57 -40.46 -32.04
C GLN B 270 -0.84 -40.26 -31.52
N LEU B 271 -1.78 -39.96 -32.41
CA LEU B 271 -3.18 -39.79 -32.07
C LEU B 271 -3.74 -40.84 -31.13
N GLU B 272 -3.25 -42.07 -31.27
CA GLU B 272 -3.68 -43.18 -30.40
C GLU B 272 -3.33 -42.88 -28.93
N VAL B 273 -2.06 -42.52 -28.71
CA VAL B 273 -1.51 -42.08 -27.42
C VAL B 273 -2.44 -41.06 -26.77
N ILE B 274 -2.80 -40.04 -27.54
CA ILE B 274 -3.77 -39.04 -27.12
C ILE B 274 -5.03 -39.71 -26.54
N ALA B 275 -5.66 -40.60 -27.29
CA ALA B 275 -6.82 -41.35 -26.77
C ALA B 275 -6.51 -42.08 -25.46
N GLY B 276 -5.26 -42.56 -25.36
CA GLY B 276 -4.78 -43.29 -24.22
C GLY B 276 -4.79 -42.44 -22.96
N VAL B 277 -4.42 -41.16 -23.12
CA VAL B 277 -4.43 -40.17 -22.03
C VAL B 277 -5.86 -39.70 -21.69
N PHE B 278 -6.65 -39.42 -22.71
CA PHE B 278 -8.07 -39.11 -22.53
C PHE B 278 -8.76 -40.16 -21.67
N GLU B 279 -8.36 -41.42 -21.88
CA GLU B 279 -8.83 -42.53 -21.08
C GLU B 279 -8.40 -42.39 -19.62
N VAL B 280 -7.14 -41.98 -19.40
CA VAL B 280 -6.65 -41.75 -18.03
C VAL B 280 -7.41 -40.59 -17.40
N PHE B 281 -7.71 -39.54 -18.17
CA PHE B 281 -8.41 -38.38 -17.63
C PHE B 281 -9.74 -38.82 -17.01
N SER B 282 -10.47 -39.67 -17.72
CA SER B 282 -11.79 -40.13 -17.29
C SER B 282 -11.73 -41.35 -16.37
N ARG B 283 -10.58 -41.60 -15.77
CA ARG B 283 -10.52 -42.63 -14.75
C ARG B 283 -9.98 -42.08 -13.43
N MET B 284 -10.05 -40.76 -13.27
CA MET B 284 -9.65 -40.13 -12.03
C MET B 284 -10.82 -40.05 -11.03
N ASP B 285 -10.58 -40.54 -9.81
CA ASP B 285 -11.50 -40.40 -8.67
C ASP B 285 -10.71 -39.98 -7.42
N ASN C 6 22.71 33.37 -19.30
CA ASN C 6 22.50 34.57 -18.42
C ASN C 6 21.52 34.31 -17.24
N ILE C 7 20.36 33.72 -17.50
CA ILE C 7 19.37 33.38 -16.44
C ILE C 7 19.48 31.90 -15.96
N PRO C 8 19.48 31.65 -14.62
CA PRO C 8 19.56 30.27 -14.11
C PRO C 8 18.28 29.53 -14.43
N THR C 9 18.20 28.22 -14.14
CA THR C 9 16.99 27.48 -14.48
C THR C 9 15.90 27.67 -13.42
N LEU C 10 16.26 27.48 -12.16
CA LEU C 10 15.30 27.65 -11.08
C LEU C 10 15.24 29.11 -10.70
N THR C 11 14.05 29.63 -10.45
CA THR C 11 13.91 30.96 -9.84
C THR C 11 14.26 30.89 -8.36
N LEU C 12 14.62 32.01 -7.74
CA LEU C 12 14.98 31.96 -6.32
C LEU C 12 13.81 31.40 -5.55
N MET C 13 12.60 31.72 -5.98
CA MET C 13 11.40 31.22 -5.28
C MET C 13 11.45 29.70 -5.21
N GLU C 14 11.81 29.07 -6.32
CA GLU C 14 11.98 27.63 -6.37
C GLU C 14 13.12 27.20 -5.46
N GLU C 15 14.25 27.89 -5.51
CA GLU C 15 15.41 27.52 -4.67
C GLU C 15 15.01 27.46 -3.20
N VAL C 16 14.32 28.50 -2.74
CA VAL C 16 13.91 28.57 -1.34
C VAL C 16 12.94 27.44 -1.00
N LEU C 17 12.04 27.11 -1.92
CA LEU C 17 11.10 26.01 -1.70
C LEU C 17 11.86 24.72 -1.45
N LEU C 18 12.76 24.36 -2.37
CA LEU C 18 13.60 23.20 -2.15
C LEU C 18 14.15 23.20 -0.73
N MET C 19 14.78 24.30 -0.32
CA MET C 19 15.34 24.44 1.02
C MET C 19 14.42 24.00 2.17
N GLY C 20 13.11 23.99 1.91
CA GLY C 20 12.13 23.50 2.88
C GLY C 20 11.90 21.98 2.94
N LEU C 21 12.27 21.26 1.88
CA LEU C 21 12.04 19.83 1.76
C LEU C 21 13.20 18.95 2.23
N ARG C 22 12.87 17.73 2.71
CA ARG C 22 13.91 16.69 2.98
C ARG C 22 14.48 16.21 1.65
N ASP C 23 15.50 15.36 1.69
CA ASP C 23 16.21 14.98 0.45
C ASP C 23 15.42 14.05 -0.45
N ARG C 24 14.46 13.30 0.13
CA ARG C 24 13.75 12.25 -0.60
C ARG C 24 12.26 12.57 -0.81
N GLU C 25 11.45 12.17 0.15
CA GLU C 25 10.05 12.54 0.19
C GLU C 25 9.84 13.32 1.48
N GLY C 26 8.80 14.14 1.49
CA GLY C 26 8.41 14.91 2.68
C GLY C 26 9.22 16.17 2.92
N TYR C 27 8.90 16.85 4.02
CA TYR C 27 9.42 18.19 4.28
C TYR C 27 9.97 18.38 5.69
N LEU C 28 10.55 19.55 5.92
CA LEU C 28 11.18 19.91 7.19
C LEU C 28 10.30 20.92 7.95
N SER C 29 10.25 22.18 7.50
CA SER C 29 9.27 23.16 8.01
C SER C 29 7.80 22.87 7.57
N PHE C 30 6.86 22.94 8.51
CA PHE C 30 5.44 23.02 8.12
C PHE C 30 5.28 24.37 7.41
N TRP C 31 4.48 24.39 6.37
CA TRP C 31 4.36 25.60 5.56
C TRP C 31 3.74 26.71 6.36
N ASN C 32 4.58 27.59 6.87
CA ASN C 32 4.14 28.72 7.69
C ASN C 32 4.10 29.92 6.76
N ASP C 33 3.66 31.05 7.27
CA ASP C 33 3.58 32.21 6.39
C ASP C 33 4.81 33.11 6.51
N SER C 34 5.83 32.62 7.18
CA SER C 34 7.12 33.29 7.10
C SER C 34 7.69 33.07 5.70
N ILE C 35 7.98 31.81 5.38
CA ILE C 35 8.32 31.41 4.01
C ILE C 35 7.43 32.01 2.95
N SER C 36 6.13 32.07 3.21
CA SER C 36 5.27 32.55 2.16
C SER C 36 5.61 34.00 1.75
N TYR C 37 5.92 34.82 2.75
CA TYR C 37 6.25 36.22 2.56
C TYR C 37 7.60 36.35 1.89
N ALA C 38 8.52 35.52 2.33
CA ALA C 38 9.87 35.65 1.87
C ALA C 38 9.90 35.33 0.40
N LEU C 39 9.03 34.41 -0.03
CA LEU C 39 8.94 34.05 -1.44
C LEU C 39 8.58 35.23 -2.33
N ARG C 40 7.67 36.08 -1.84
CA ARG C 40 7.27 37.29 -2.54
C ARG C 40 8.49 38.18 -2.75
N GLY C 41 9.25 38.42 -1.67
CA GLY C 41 10.53 39.13 -1.76
C GLY C 41 11.39 38.62 -2.92
N CYS C 42 11.48 37.31 -3.02
CA CYS C 42 12.16 36.65 -4.11
C CYS C 42 11.72 37.06 -5.49
N ILE C 43 10.42 37.09 -5.73
CA ILE C 43 9.86 37.63 -6.96
C ILE C 43 10.43 39.04 -7.27
N ILE C 44 10.34 39.93 -6.30
CA ILE C 44 10.82 41.26 -6.53
C ILE C 44 12.31 41.32 -6.87
N ILE C 45 13.14 40.55 -6.16
CA ILE C 45 14.56 40.46 -6.48
C ILE C 45 14.69 39.88 -7.88
N GLU C 46 13.97 38.79 -8.11
CA GLU C 46 14.04 38.11 -9.36
C GLU C 46 13.72 39.13 -10.46
N LEU C 47 12.62 39.87 -10.32
CA LEU C 47 12.27 40.85 -11.34
C LEU C 47 13.39 41.85 -11.55
N ALA C 48 14.02 42.27 -10.46
CA ALA C 48 15.11 43.23 -10.54
C ALA C 48 16.31 42.61 -11.24
N LEU C 49 16.57 41.35 -10.99
CA LEU C 49 17.71 40.68 -11.62
C LEU C 49 17.50 40.46 -13.11
N ARG C 50 16.24 40.47 -13.54
CA ARG C 50 15.92 40.16 -14.93
C ARG C 50 15.74 41.46 -15.66
N GLY C 51 16.24 42.52 -15.05
CA GLY C 51 16.15 43.86 -15.57
C GLY C 51 14.75 44.25 -15.97
N LYS C 52 13.73 43.78 -15.26
CA LYS C 52 12.36 44.17 -15.59
C LYS C 52 11.87 45.38 -14.78
N ILE C 53 12.45 45.54 -13.60
CA ILE C 53 12.06 46.60 -12.69
C ILE C 53 13.34 47.23 -12.22
N ARG C 54 13.24 48.48 -11.77
CA ARG C 54 14.37 49.20 -11.25
C ARG C 54 13.79 50.16 -10.20
N ILE C 55 14.62 50.61 -9.25
CA ILE C 55 14.19 51.59 -8.22
C ILE C 55 13.95 52.98 -8.82
N LEU C 56 12.79 53.56 -8.55
CA LEU C 56 12.39 54.78 -9.23
C LEU C 56 13.49 55.80 -9.13
N ASP C 57 13.94 56.30 -10.28
CA ASP C 57 15.16 57.12 -10.38
C ASP C 57 14.90 58.58 -10.07
N ASP C 58 14.31 58.78 -8.89
CA ASP C 58 14.32 60.03 -8.15
C ASP C 58 15.51 60.04 -7.15
N SER C 59 15.85 61.22 -6.61
CA SER C 59 16.92 61.36 -5.59
C SER C 59 16.25 61.70 -4.29
N ALA C 60 14.97 62.05 -4.40
CA ALA C 60 14.12 62.23 -3.25
C ALA C 60 13.90 60.88 -2.57
N ARG C 61 14.30 59.80 -3.25
CA ARG C 61 14.11 58.47 -2.70
C ARG C 61 14.97 58.32 -1.47
N LYS C 62 15.99 59.15 -1.38
CA LYS C 62 17.03 59.02 -0.35
C LYS C 62 16.61 59.47 1.05
N ARG C 63 15.56 60.29 1.13
CA ARG C 63 14.97 60.72 2.38
C ARG C 63 14.26 59.54 3.12
N PHE C 64 14.39 58.33 2.58
CA PHE C 64 13.56 57.18 3.01
C PHE C 64 14.40 55.91 3.05
N ASP C 65 14.07 54.99 3.97
CA ASP C 65 14.73 53.69 4.03
C ASP C 65 14.57 52.97 2.71
N LEU C 66 15.52 52.10 2.38
CA LEU C 66 15.42 51.29 1.17
C LEU C 66 14.01 50.73 0.89
N SER C 67 13.46 49.94 1.79
CA SER C 67 12.17 49.29 1.52
C SER C 67 10.99 50.23 1.33
N GLU C 68 11.17 51.51 1.65
CA GLU C 68 10.11 52.51 1.49
C GLU C 68 10.17 53.18 0.13
N ARG C 69 11.18 52.79 -0.65
CA ARG C 69 11.47 53.39 -1.96
C ARG C 69 10.67 52.75 -3.06
N LEU C 70 10.09 53.57 -3.93
CA LEU C 70 9.20 53.12 -5.00
C LEU C 70 9.97 52.38 -6.10
N ILE C 71 9.31 51.37 -6.70
CA ILE C 71 9.81 50.76 -7.95
C ILE C 71 8.95 51.09 -9.15
N GLU C 72 9.58 51.16 -10.31
CA GLU C 72 8.90 51.49 -11.57
C GLU C 72 9.20 50.43 -12.59
N VAL C 73 8.16 49.99 -13.30
CA VAL C 73 8.35 48.98 -14.33
C VAL C 73 9.27 49.47 -15.46
N ILE C 74 10.39 48.79 -15.65
CA ILE C 74 11.34 49.19 -16.67
C ILE C 74 10.88 48.54 -18.00
N ASP C 75 10.30 47.34 -17.91
CA ASP C 75 10.20 46.33 -18.98
C ASP C 75 9.10 45.36 -18.60
N SER C 76 8.00 45.41 -19.33
CA SER C 76 6.86 44.54 -19.01
C SER C 76 6.73 43.29 -19.86
N SER C 77 7.75 43.00 -20.69
CA SER C 77 7.69 41.83 -21.54
C SER C 77 7.72 40.58 -20.69
N LYS C 78 6.99 39.56 -21.13
CA LYS C 78 6.83 38.31 -20.38
C LYS C 78 8.17 37.71 -19.95
N THR C 79 8.11 36.95 -18.87
CA THR C 79 9.30 36.38 -18.28
C THR C 79 9.32 34.87 -18.54
N GLY C 80 8.13 34.27 -18.63
CA GLY C 80 8.01 32.84 -18.82
C GLY C 80 7.69 32.13 -17.53
N GLU C 81 8.10 32.75 -16.41
CA GLU C 81 7.67 32.32 -15.08
C GLU C 81 6.34 32.93 -14.68
N VAL C 82 5.34 32.06 -14.53
CA VAL C 82 3.97 32.44 -14.18
C VAL C 82 3.91 33.49 -13.07
N LEU C 83 4.43 33.15 -11.89
CA LEU C 83 4.29 34.02 -10.73
C LEU C 83 4.94 35.36 -11.04
N LEU C 84 6.13 35.32 -11.63
CA LEU C 84 6.82 36.53 -12.04
C LEU C 84 5.98 37.44 -12.93
N ASP C 85 5.36 36.82 -13.94
CA ASP C 85 4.58 37.55 -14.95
C ASP C 85 3.29 38.09 -14.35
N GLU C 86 2.66 37.27 -13.53
CA GLU C 86 1.49 37.68 -12.79
C GLU C 86 1.74 38.98 -12.00
N THR C 87 2.93 39.11 -11.40
CA THR C 87 3.25 40.33 -10.67
C THR C 87 3.60 41.50 -11.59
N LEU C 88 4.41 41.21 -12.62
CA LEU C 88 4.68 42.19 -13.68
C LEU C 88 3.37 42.79 -14.22
N GLN C 89 2.39 41.92 -14.40
CA GLN C 89 1.07 42.31 -14.85
C GLN C 89 0.53 43.45 -14.00
N LEU C 90 0.38 43.22 -12.69
CA LEU C 90 -0.13 44.18 -11.71
C LEU C 90 0.73 45.43 -11.67
N MET C 91 2.04 45.23 -11.65
CA MET C 91 3.01 46.32 -11.59
C MET C 91 2.90 47.32 -12.75
N LYS C 92 2.92 46.83 -14.01
CA LYS C 92 2.80 47.71 -15.19
C LYS C 92 1.56 48.62 -15.09
N ASN C 93 0.48 48.11 -14.50
CA ASN C 93 -0.79 48.84 -14.43
C ASN C 93 -0.98 49.68 -13.21
N ASP C 94 0.07 50.29 -12.69
CA ASP C 94 -0.06 50.93 -11.40
C ASP C 94 0.93 52.02 -11.07
N GLU C 95 0.60 52.82 -10.06
CA GLU C 95 1.51 53.78 -9.50
C GLU C 95 2.82 53.07 -9.18
N PRO C 96 3.95 53.81 -9.23
CA PRO C 96 5.12 53.30 -8.56
C PRO C 96 4.79 53.11 -7.08
N LEU C 97 4.95 51.88 -6.60
CA LEU C 97 4.77 51.55 -5.20
C LEU C 97 6.10 51.08 -4.65
N SER C 98 6.22 51.11 -3.31
CA SER C 98 7.47 50.75 -2.63
C SER C 98 7.69 49.26 -2.59
N ILE C 99 8.94 48.86 -2.39
CA ILE C 99 9.30 47.44 -2.25
C ILE C 99 8.44 46.82 -1.17
N SER C 100 8.37 47.53 -0.07
CA SER C 100 7.75 47.01 1.11
C SER C 100 6.30 46.72 0.76
N ASN C 101 5.71 47.71 0.10
CA ASN C 101 4.31 47.67 -0.23
C ASN C 101 3.96 46.52 -1.16
N TRP C 102 4.79 46.33 -2.20
CA TRP C 102 4.65 45.24 -3.14
C TRP C 102 4.67 43.89 -2.43
N ILE C 103 5.75 43.65 -1.70
CA ILE C 103 5.84 42.47 -0.88
C ILE C 103 4.57 42.32 -0.05
N ASP C 104 4.13 43.40 0.60
CA ASP C 104 2.93 43.32 1.44
C ASP C 104 1.72 42.96 0.63
N LEU C 105 1.54 43.62 -0.51
CA LEU C 105 0.35 43.41 -1.34
C LEU C 105 0.30 42.01 -1.93
N LEU C 106 1.43 41.51 -2.42
CA LEU C 106 1.49 40.17 -3.01
C LEU C 106 1.38 39.06 -1.95
N SER C 107 1.69 39.37 -0.70
CA SER C 107 1.48 38.42 0.38
C SER C 107 0.09 38.56 0.91
N GLY C 108 -0.53 39.72 0.69
CA GLY C 108 -1.77 40.07 1.35
C GLY C 108 -1.57 40.22 2.84
N GLU C 109 -0.68 41.12 3.24
CA GLU C 109 -0.42 41.40 4.64
C GLU C 109 -0.59 42.93 4.88
N THR C 110 -0.90 43.67 3.81
CA THR C 110 -1.47 45.02 3.89
C THR C 110 -2.93 44.89 3.48
N TRP C 111 -3.72 45.93 3.73
CA TRP C 111 -5.13 45.92 3.34
C TRP C 111 -5.46 47.13 2.44
N ASN C 112 -5.93 46.86 1.21
CA ASN C 112 -6.37 47.91 0.29
C ASN C 112 -7.73 47.69 -0.43
N LEU C 113 -8.75 48.35 0.13
CA LEU C 113 -10.07 48.53 -0.50
C LEU C 113 -10.26 48.71 -2.01
N LEU C 114 -9.59 49.71 -2.57
CA LEU C 114 -9.72 49.98 -4.00
C LEU C 114 -8.85 49.02 -4.81
N LYS C 115 -7.66 48.74 -4.31
CA LYS C 115 -6.70 47.90 -5.03
C LYS C 115 -7.49 46.60 -4.91
N ILE C 116 -8.25 46.28 -5.96
CA ILE C 116 -8.70 44.94 -6.33
C ILE C 116 -7.66 43.89 -5.94
N ASN C 117 -8.07 42.96 -5.10
CA ASN C 117 -7.11 42.14 -4.34
C ASN C 117 -6.13 41.19 -5.05
N TYR C 118 -4.91 41.71 -5.22
CA TYR C 118 -3.88 40.95 -5.84
C TYR C 118 -2.75 40.32 -5.09
N GLN C 119 -3.10 39.83 -3.92
CA GLN C 119 -2.38 38.77 -3.28
C GLN C 119 -2.26 37.61 -4.28
N LEU C 120 -1.09 36.99 -4.34
CA LEU C 120 -0.81 35.91 -5.28
C LEU C 120 -1.33 34.58 -4.75
N LYS C 121 -2.39 34.07 -5.36
CA LYS C 121 -3.02 32.86 -4.88
C LYS C 121 -2.29 31.65 -5.51
N GLN C 122 -2.32 30.51 -4.82
CA GLN C 122 -1.85 29.22 -5.37
C GLN C 122 -0.35 29.16 -5.67
N VAL C 123 0.45 29.75 -4.80
CA VAL C 123 1.88 29.95 -5.03
C VAL C 123 2.66 28.66 -4.90
N ARG C 124 2.53 28.05 -3.75
CA ARG C 124 3.28 26.87 -3.36
C ARG C 124 2.97 25.70 -4.32
N GLU C 125 1.68 25.53 -4.56
CA GLU C 125 1.17 24.56 -5.48
C GLU C 125 1.62 24.85 -6.94
N ARG C 126 1.65 26.11 -7.33
CA ARG C 126 2.20 26.48 -8.64
C ARG C 126 3.72 26.35 -8.76
N LEU C 127 4.44 26.61 -7.69
CA LEU C 127 5.90 26.45 -7.71
C LEU C 127 6.22 24.96 -7.89
N ALA C 128 5.44 24.15 -7.20
CA ALA C 128 5.47 22.70 -7.35
C ALA C 128 5.47 22.29 -8.81
N LYS C 129 4.44 22.71 -9.55
CA LYS C 129 4.34 22.42 -11.00
C LYS C 129 5.62 22.82 -11.73
N GLY C 130 6.09 24.04 -11.48
CA GLY C 130 7.34 24.51 -12.04
C GLY C 130 8.42 23.44 -11.85
N LEU C 131 8.64 23.06 -10.60
CA LEU C 131 9.65 22.08 -10.24
C LEU C 131 9.45 20.69 -10.86
N VAL C 132 8.20 20.29 -11.06
CA VAL C 132 7.95 19.08 -11.83
C VAL C 132 8.42 19.27 -13.26
N ASP C 133 7.92 20.33 -13.92
CA ASP C 133 8.20 20.54 -15.34
C ASP C 133 9.69 20.68 -15.63
N LYS C 134 10.46 21.06 -14.62
CA LYS C 134 11.90 21.18 -14.79
C LYS C 134 12.66 19.91 -14.35
N GLY C 135 11.92 18.85 -14.04
CA GLY C 135 12.54 17.58 -13.67
C GLY C 135 13.21 17.52 -12.30
N VAL C 136 13.00 18.53 -11.47
CA VAL C 136 13.53 18.46 -10.13
C VAL C 136 12.65 17.51 -9.34
N LEU C 137 11.35 17.78 -9.38
CA LEU C 137 10.36 16.96 -8.70
C LEU C 137 9.70 16.02 -9.70
N ARG C 138 9.29 14.84 -9.22
CA ARG C 138 8.42 13.93 -9.97
C ARG C 138 7.06 13.91 -9.26
N THR C 139 6.10 13.22 -9.86
CA THR C 139 4.73 13.14 -9.32
C THR C 139 4.32 11.69 -9.00
N GLU C 140 3.99 11.44 -7.74
CA GLU C 140 3.64 10.10 -7.28
C GLU C 140 2.23 10.03 -6.74
N MET C 141 1.48 9.04 -7.17
CA MET C 141 0.11 8.85 -6.73
C MET C 141 0.00 7.95 -5.53
N LYS C 142 -0.31 8.57 -4.38
CA LYS C 142 -0.49 7.85 -3.13
C LYS C 142 -1.98 7.65 -2.94
N ASN C 143 -2.36 6.40 -2.69
CA ASN C 143 -3.74 6.03 -2.33
C ASN C 143 -3.96 6.12 -0.82
N PHE C 144 -4.86 7.01 -0.40
CA PHE C 144 -5.20 7.12 1.01
C PHE C 144 -6.54 6.48 1.28
N PHE C 145 -6.99 6.52 2.53
CA PHE C 145 -8.19 5.80 2.89
C PHE C 145 -9.45 6.34 2.24
N LEU C 146 -9.56 7.65 2.06
CA LEU C 146 -10.82 8.24 1.59
C LEU C 146 -10.65 9.05 0.31
N PHE C 147 -9.51 8.89 -0.35
CA PHE C 147 -9.21 9.59 -1.62
C PHE C 147 -7.82 9.24 -2.09
N ASP C 148 -7.48 9.70 -3.29
CA ASP C 148 -6.13 9.58 -3.83
C ASP C 148 -5.41 10.92 -3.78
N MET C 149 -4.08 10.92 -3.85
CA MET C 149 -3.34 12.19 -3.72
C MET C 149 -2.07 12.29 -4.55
N ALA C 150 -2.03 13.33 -5.36
CA ALA C 150 -0.81 13.74 -6.04
C ALA C 150 0.23 14.04 -4.98
N THR C 151 1.43 13.49 -5.16
CA THR C 151 2.55 13.81 -4.30
C THR C 151 3.78 14.08 -5.16
N HIS C 152 4.73 14.84 -4.66
CA HIS C 152 5.88 15.17 -5.47
C HIS C 152 7.15 14.92 -4.69
N PRO C 153 7.59 13.65 -4.67
CA PRO C 153 8.86 13.41 -4.02
C PRO C 153 9.90 13.89 -5.01
N ILE C 154 11.16 13.98 -4.60
CA ILE C 154 12.14 14.60 -5.49
C ILE C 154 12.71 13.62 -6.52
N ALA C 155 13.08 14.16 -7.69
CA ALA C 155 13.52 13.38 -8.86
C ALA C 155 15.03 13.49 -9.08
N ASP C 156 15.51 14.73 -9.07
CA ASP C 156 16.94 14.99 -9.17
C ASP C 156 17.59 15.51 -7.86
N ALA C 157 18.27 14.61 -7.14
CA ALA C 157 18.87 14.94 -5.83
C ALA C 157 20.03 15.92 -5.90
N SER C 158 20.70 15.98 -7.05
CA SER C 158 21.92 16.77 -7.18
C SER C 158 21.57 18.24 -7.17
N CYS C 159 20.39 18.56 -7.68
CA CYS C 159 19.84 19.92 -7.68
C CYS C 159 19.90 20.59 -6.32
N LYS C 160 19.39 19.89 -5.30
CA LYS C 160 19.50 20.24 -3.89
C LYS C 160 20.96 20.23 -3.40
N GLU C 161 21.77 19.25 -3.84
CA GLU C 161 23.20 19.18 -3.43
C GLU C 161 23.89 20.48 -3.87
N ALA C 162 23.78 20.82 -5.15
CA ALA C 162 24.28 22.08 -5.71
C ALA C 162 23.93 23.27 -4.83
N ILE C 163 22.64 23.45 -4.55
CA ILE C 163 22.21 24.58 -3.74
C ILE C 163 22.86 24.53 -2.36
N LYS C 164 22.85 23.34 -1.75
CA LYS C 164 23.46 23.13 -0.42
C LYS C 164 24.93 23.53 -0.43
N ARG C 165 25.63 23.08 -1.47
CA ARG C 165 27.08 23.27 -1.63
C ARG C 165 27.39 24.74 -1.84
N ARG C 166 26.66 25.39 -2.75
CA ARG C 166 26.74 26.84 -2.92
C ARG C 166 26.56 27.57 -1.59
N VAL C 167 25.50 27.25 -0.86
CA VAL C 167 25.25 27.93 0.41
C VAL C 167 26.45 27.73 1.34
N LEU C 168 26.93 26.50 1.43
CA LEU C 168 28.04 26.19 2.34
C LEU C 168 29.39 26.74 1.84
N SER C 169 29.51 26.87 0.52
CA SER C 169 30.60 27.63 -0.07
C SER C 169 30.66 29.09 0.40
N VAL C 170 29.52 29.68 0.69
CA VAL C 170 29.51 31.03 1.17
C VAL C 170 29.63 31.05 2.66
N LEU C 171 29.11 30.04 3.35
CA LEU C 171 29.15 30.15 4.82
C LEU C 171 29.78 29.05 5.70
N VAL C 172 30.49 28.11 5.09
CA VAL C 172 31.45 27.37 5.92
C VAL C 172 32.88 27.50 5.44
N SER C 173 33.14 27.44 4.13
CA SER C 173 34.54 27.48 3.65
C SER C 173 35.14 28.87 3.73
N ARG C 174 36.42 28.95 4.10
CA ARG C 174 37.15 30.24 4.28
C ARG C 174 37.42 30.94 2.95
N ASN C 175 37.32 30.19 1.85
CA ASN C 175 37.45 30.72 0.51
C ASN C 175 36.30 30.29 -0.38
N MET C 176 35.45 31.24 -0.78
CA MET C 176 34.32 30.89 -1.63
C MET C 176 34.78 30.60 -3.06
N GLU C 177 34.40 29.43 -3.56
CA GLU C 177 34.52 29.09 -4.97
C GLU C 177 33.25 28.30 -5.27
N LEU C 178 32.21 29.02 -5.68
CA LEU C 178 30.94 28.42 -6.08
C LEU C 178 31.15 27.40 -7.23
N SER C 179 30.36 26.33 -7.24
CA SER C 179 30.42 25.34 -8.34
C SER C 179 29.16 25.43 -9.20
N TYR C 180 29.27 25.06 -10.47
CA TYR C 180 28.23 25.33 -11.44
C TYR C 180 27.70 24.04 -12.06
N ASN C 181 26.43 24.02 -12.48
CA ASN C 181 25.86 22.83 -13.09
C ASN C 181 24.84 23.17 -14.17
N GLU C 182 24.03 22.19 -14.57
CA GLU C 182 23.02 22.42 -15.62
C GLU C 182 22.07 23.55 -15.18
N TYR C 183 21.49 23.40 -13.98
CA TYR C 183 20.57 24.36 -13.41
C TYR C 183 21.18 25.74 -13.21
N PHE C 184 22.42 25.75 -12.72
CA PHE C 184 23.10 26.97 -12.34
C PHE C 184 24.47 27.02 -13.04
N PRO C 185 24.49 27.42 -14.33
CA PRO C 185 25.72 27.41 -15.10
C PRO C 185 26.64 28.60 -14.82
N GLU C 186 27.94 28.37 -15.04
CA GLU C 186 28.99 29.41 -15.06
C GLU C 186 28.54 30.76 -15.64
N THR C 187 27.82 30.70 -16.74
CA THR C 187 27.47 31.88 -17.51
C THR C 187 26.26 32.65 -16.94
N THR C 188 26.00 32.56 -15.64
CA THR C 188 24.79 33.22 -15.10
C THR C 188 25.10 34.57 -14.53
N SER C 189 24.32 35.55 -14.98
CA SER C 189 24.47 36.94 -14.59
C SER C 189 24.30 37.08 -13.08
N PHE C 190 25.16 37.86 -12.47
CA PHE C 190 25.10 38.05 -11.02
C PHE C 190 25.09 36.76 -10.18
N LYS C 191 25.83 35.74 -10.64
CA LYS C 191 26.05 34.48 -9.92
C LYS C 191 26.09 34.64 -8.37
N ILE C 192 26.93 35.54 -7.86
CA ILE C 192 27.11 35.65 -6.40
C ILE C 192 25.99 36.42 -5.68
N ILE C 193 25.51 37.49 -6.31
CA ILE C 193 24.39 38.25 -5.76
C ILE C 193 23.17 37.32 -5.66
N ARG C 194 23.11 36.35 -6.57
CA ARG C 194 22.00 35.43 -6.62
C ARG C 194 22.10 34.39 -5.51
N THR C 195 23.31 34.07 -5.07
CA THR C 195 23.38 33.05 -4.04
C THR C 195 23.31 33.74 -2.69
N LEU C 196 23.71 35.00 -2.66
CA LEU C 196 23.47 35.79 -1.46
C LEU C 196 21.98 35.93 -1.24
N ALA C 197 21.26 36.29 -2.30
CA ALA C 197 19.80 36.40 -2.29
C ALA C 197 19.13 35.10 -1.79
N LEU C 198 19.68 33.96 -2.21
CA LEU C 198 19.22 32.68 -1.72
C LEU C 198 19.43 32.60 -0.21
N ILE C 199 20.65 32.85 0.21
CA ILE C 199 20.99 32.77 1.60
C ILE C 199 20.08 33.68 2.40
N CYS C 200 19.99 34.94 2.00
CA CYS C 200 19.21 35.94 2.74
C CYS C 200 17.70 35.68 2.73
N GLY C 201 17.20 35.27 1.57
CA GLY C 201 15.80 34.92 1.42
C GLY C 201 15.46 33.73 2.28
N SER C 202 16.27 32.68 2.13
CA SER C 202 16.02 31.46 2.85
C SER C 202 16.25 31.65 4.37
N TYR C 203 16.79 32.80 4.74
CA TYR C 203 16.95 33.09 6.13
C TYR C 203 15.66 33.63 6.76
N GLY C 204 15.03 34.59 6.10
CA GLY C 204 13.75 35.16 6.58
C GLY C 204 12.62 34.15 6.45
N ALA C 205 12.79 33.25 5.48
CA ALA C 205 11.91 32.12 5.27
C ALA C 205 12.13 31.07 6.36
N ASN C 206 13.21 31.21 7.14
CA ASN C 206 13.64 30.25 8.18
C ASN C 206 13.76 28.85 7.68
N VAL C 207 14.63 28.67 6.70
CA VAL C 207 14.87 27.37 6.12
C VAL C 207 16.37 27.22 5.89
N LEU C 208 17.11 28.21 6.38
CA LEU C 208 18.54 28.27 6.16
C LEU C 208 19.25 27.21 6.99
N GLU C 209 18.90 27.17 8.27
CA GLU C 209 19.40 26.12 9.16
C GLU C 209 19.22 24.70 8.65
N ASN C 210 18.18 24.45 7.86
CA ASN C 210 17.95 23.12 7.31
C ASN C 210 19.14 22.48 6.63
N VAL C 211 20.04 23.28 6.07
CA VAL C 211 21.25 22.73 5.43
C VAL C 211 22.47 22.66 6.36
N LEU C 212 22.36 23.27 7.53
CA LEU C 212 23.49 23.35 8.42
C LEU C 212 23.48 22.19 9.37
N THR C 213 22.38 21.43 9.38
CA THR C 213 22.07 20.45 10.42
C THR C 213 23.09 19.33 10.67
N THR C 214 23.96 19.04 9.70
CA THR C 214 25.00 18.02 9.90
C THR C 214 26.38 18.63 10.25
N LEU C 215 26.59 19.91 9.99
CA LEU C 215 27.87 20.55 10.30
C LEU C 215 28.25 20.46 11.77
N GLU C 216 29.55 20.32 12.05
CA GLU C 216 30.12 20.49 13.39
C GLU C 216 29.62 21.75 14.08
N TYR C 217 29.29 21.67 15.36
CA TYR C 217 28.67 22.78 16.08
C TYR C 217 29.29 24.17 15.96
N GLU C 218 30.61 24.26 16.03
CA GLU C 218 31.29 25.57 15.87
C GLU C 218 31.00 26.13 14.47
N LYS C 219 31.07 25.30 13.43
CA LYS C 219 30.67 25.68 12.08
C LYS C 219 29.22 26.16 11.99
N ARG C 220 28.29 25.49 12.67
CA ARG C 220 26.88 25.91 12.68
C ARG C 220 26.68 27.35 13.18
N ASP C 221 27.28 27.67 14.33
CA ASP C 221 27.25 29.03 14.90
C ASP C 221 27.83 30.06 13.95
N LYS C 222 29.01 29.75 13.39
CA LYS C 222 29.74 30.63 12.45
C LYS C 222 28.96 30.87 11.16
N ALA C 223 28.44 29.81 10.55
CA ALA C 223 27.49 29.96 9.43
C ALA C 223 26.29 30.82 9.77
N ILE C 224 25.57 30.52 10.87
CA ILE C 224 24.42 31.36 11.25
C ILE C 224 24.85 32.79 11.39
N SER C 225 25.96 33.05 12.08
CA SER C 225 26.35 34.46 12.26
C SER C 225 27.01 35.10 11.03
N ARG C 226 27.69 34.29 10.21
CA ARG C 226 28.16 34.77 8.90
C ARG C 226 27.00 35.28 8.05
N ALA C 227 25.95 34.48 7.99
CA ALA C 227 24.69 34.84 7.33
C ALA C 227 24.23 36.25 7.67
N GLU C 228 23.96 36.52 8.94
CA GLU C 228 23.46 37.84 9.40
C GLU C 228 24.45 38.98 9.21
N GLU C 229 25.72 38.62 9.23
CA GLU C 229 26.78 39.50 8.81
C GLU C 229 26.57 39.93 7.36
N ILE C 230 26.61 38.97 6.42
CA ILE C 230 26.33 39.26 5.00
C ILE C 230 24.92 39.87 4.81
N MET C 231 24.02 39.50 5.70
CA MET C 231 22.63 39.93 5.64
C MET C 231 22.44 41.40 5.98
N ALA C 232 23.47 42.11 6.40
CA ALA C 232 23.31 43.54 6.72
C ALA C 232 24.30 44.36 5.92
N GLN C 233 25.34 43.67 5.45
CA GLN C 233 26.27 44.26 4.50
C GLN C 233 25.43 44.64 3.31
N PHE C 234 24.56 43.73 2.92
CA PHE C 234 23.86 43.79 1.66
C PHE C 234 22.42 44.24 1.78
N SER C 235 22.09 44.94 2.85
CA SER C 235 20.79 45.59 2.96
C SER C 235 20.97 47.06 3.28
N GLN C 236 21.94 47.66 2.61
CA GLN C 236 22.08 49.11 2.57
C GLN C 236 22.73 49.43 1.25
N TYR C 237 22.54 50.65 0.77
CA TYR C 237 23.01 51.02 -0.55
C TYR C 237 23.65 52.42 -0.58
N PRO C 238 24.85 52.53 -1.22
CA PRO C 238 25.58 51.42 -1.86
C PRO C 238 26.00 50.35 -0.88
N PHE C 239 26.17 49.13 -1.39
CA PHE C 239 26.67 47.99 -0.60
C PHE C 239 27.98 48.30 0.08
N ASP C 240 28.09 47.99 1.38
CA ASP C 240 29.39 48.15 2.03
C ASP C 240 30.33 46.97 1.74
N LEU C 241 31.26 47.17 0.82
CA LEU C 241 32.21 46.14 0.44
C LEU C 241 33.63 46.53 0.92
N GLU C 242 33.65 47.35 1.96
CA GLU C 242 34.88 47.73 2.66
C GLU C 242 35.07 46.80 3.87
N LYS C 243 34.11 46.81 4.82
CA LYS C 243 34.16 46.02 6.10
C LYS C 243 34.23 44.50 5.90
N GLU C 244 35.37 43.91 6.32
CA GLU C 244 35.61 42.46 6.26
C GLU C 244 35.31 41.82 7.65
N THR C 245 35.64 40.54 7.83
CA THR C 245 35.11 39.82 8.98
C THR C 245 36.08 39.12 9.96
N GLU C 246 35.78 39.26 11.25
CA GLU C 246 36.46 38.54 12.34
C GLU C 246 36.29 36.99 12.26
N LEU C 247 35.14 36.53 11.78
CA LEU C 247 34.88 35.09 11.49
C LEU C 247 35.80 34.61 10.36
N GLY C 248 36.09 33.32 10.32
CA GLY C 248 37.07 32.87 9.33
C GLY C 248 36.46 32.41 8.02
N VAL C 249 35.28 32.95 7.70
CA VAL C 249 34.51 32.49 6.56
C VAL C 249 34.41 33.58 5.50
N SER C 250 34.32 33.17 4.24
CA SER C 250 33.78 34.03 3.19
C SER C 250 34.72 35.20 2.90
N VAL C 251 35.98 35.05 3.30
CA VAL C 251 36.86 36.19 3.53
C VAL C 251 37.12 36.95 2.23
N ASN C 252 36.79 36.32 1.11
CA ASN C 252 36.96 36.95 -0.18
C ASN C 252 35.67 37.46 -0.83
N LEU C 253 34.56 37.41 -0.08
CA LEU C 253 33.25 37.74 -0.66
C LEU C 253 33.23 39.17 -1.21
N ASN C 254 33.79 40.11 -0.45
CA ASN C 254 33.92 41.49 -0.91
C ASN C 254 34.63 41.57 -2.26
N LYS C 255 35.90 41.15 -2.30
CA LYS C 255 36.69 41.18 -3.56
C LYS C 255 35.80 40.68 -4.69
N GLU C 256 35.13 39.57 -4.43
CA GLU C 256 34.44 38.82 -5.44
C GLU C 256 33.13 39.42 -5.91
N VAL C 257 32.44 40.12 -5.00
CA VAL C 257 31.23 40.83 -5.35
C VAL C 257 31.59 42.13 -6.08
N LYS C 258 32.58 42.88 -5.56
CA LYS C 258 33.14 44.06 -6.25
C LYS C 258 33.51 43.69 -7.70
N GLU C 259 34.23 42.59 -7.85
CA GLU C 259 34.57 42.09 -9.18
C GLU C 259 33.35 41.66 -9.98
N GLU C 260 32.33 41.06 -9.33
CA GLU C 260 31.08 40.66 -10.02
C GLU C 260 30.33 41.87 -10.55
N ILE C 261 30.28 42.93 -9.74
CA ILE C 261 29.57 44.17 -10.08
C ILE C 261 30.34 44.96 -11.13
N GLU C 262 31.63 45.21 -10.86
CA GLU C 262 32.49 45.92 -11.83
C GLU C 262 32.26 45.34 -13.25
N ASN C 263 32.33 44.02 -13.38
CA ASN C 263 32.14 43.34 -14.65
C ASN C 263 30.74 43.43 -15.25
N ASN C 264 29.80 44.03 -14.53
CA ASN C 264 28.42 44.03 -14.99
C ASN C 264 27.82 45.44 -14.86
N PRO C 265 28.36 46.39 -15.66
CA PRO C 265 28.25 47.78 -15.24
C PRO C 265 26.88 48.37 -15.50
N GLY C 266 26.58 49.44 -14.77
CA GLY C 266 25.35 50.22 -14.96
C GLY C 266 24.06 49.47 -14.69
N HIS C 267 23.95 48.89 -13.50
CA HIS C 267 22.71 48.26 -13.03
C HIS C 267 22.38 48.71 -11.61
N ASP C 268 23.04 49.76 -11.14
CA ASP C 268 22.87 50.27 -9.80
C ASP C 268 21.43 50.43 -9.41
N LEU C 269 20.63 50.95 -10.32
CA LEU C 269 19.22 51.20 -10.01
C LEU C 269 18.42 49.89 -9.78
N GLN C 270 19.05 48.76 -10.15
CA GLN C 270 18.52 47.42 -9.86
C GLN C 270 19.04 46.82 -8.55
N LEU C 271 20.37 46.69 -8.42
CA LEU C 271 20.94 46.18 -7.18
C LEU C 271 20.30 46.86 -6.01
N GLU C 272 20.14 48.17 -6.07
CA GLU C 272 19.51 48.93 -4.99
C GLU C 272 18.14 48.33 -4.56
N VAL C 273 17.37 47.85 -5.54
CA VAL C 273 16.09 47.18 -5.27
C VAL C 273 16.40 45.92 -4.51
N ILE C 274 17.33 45.12 -5.04
CA ILE C 274 17.62 43.84 -4.40
C ILE C 274 18.06 44.09 -2.95
N ALA C 275 18.89 45.11 -2.72
CA ALA C 275 19.24 45.56 -1.36
C ALA C 275 18.03 45.84 -0.47
N GLY C 276 17.10 46.65 -0.97
CA GLY C 276 15.86 46.97 -0.24
C GLY C 276 15.01 45.75 0.07
N VAL C 277 15.18 44.68 -0.69
CA VAL C 277 14.41 43.47 -0.45
C VAL C 277 15.10 42.76 0.69
N PHE C 278 16.43 42.72 0.61
CA PHE C 278 17.27 42.23 1.70
C PHE C 278 16.87 42.93 3.01
N GLU C 279 16.47 44.19 2.92
CA GLU C 279 16.07 44.92 4.11
C GLU C 279 14.82 44.31 4.74
N VAL C 280 13.84 44.02 3.91
CA VAL C 280 12.59 43.39 4.35
C VAL C 280 12.88 42.00 5.00
N PHE C 281 13.80 41.25 4.40
CA PHE C 281 14.22 39.99 4.98
C PHE C 281 14.71 40.22 6.39
N SER C 282 15.62 41.15 6.60
CA SER C 282 16.13 41.28 7.96
C SER C 282 15.07 41.78 8.93
N ARG C 283 14.24 42.72 8.49
CA ARG C 283 13.17 43.25 9.32
C ARG C 283 12.07 42.24 9.67
N MET C 284 11.97 41.10 8.98
CA MET C 284 10.79 40.28 9.29
C MET C 284 10.85 39.62 10.66
N ILE D 5 -37.27 4.64 7.26
CA ILE D 5 -38.01 4.37 8.56
C ILE D 5 -37.87 2.91 9.03
N ASN D 6 -37.59 2.04 8.04
CA ASN D 6 -37.33 0.62 8.23
C ASN D 6 -35.98 0.31 7.62
N ILE D 7 -35.60 1.10 6.62
CA ILE D 7 -34.24 1.18 6.10
C ILE D 7 -33.44 2.12 7.02
N PRO D 8 -32.26 1.70 7.52
CA PRO D 8 -31.50 2.51 8.48
C PRO D 8 -30.71 3.60 7.77
N THR D 9 -30.04 4.49 8.52
CA THR D 9 -29.41 5.66 7.90
C THR D 9 -28.21 5.26 7.08
N LEU D 10 -27.32 4.50 7.69
CA LEU D 10 -26.07 4.18 7.04
C LEU D 10 -26.25 2.91 6.23
N THR D 11 -25.64 2.87 5.06
CA THR D 11 -25.55 1.63 4.28
C THR D 11 -24.45 0.75 4.85
N LEU D 12 -24.54 -0.57 4.65
CA LEU D 12 -23.51 -1.50 5.15
C LEU D 12 -22.12 -1.14 4.63
N MET D 13 -22.07 -0.63 3.38
CA MET D 13 -20.85 -0.08 2.82
C MET D 13 -20.23 0.95 3.76
N GLU D 14 -21.06 1.86 4.24
CA GLU D 14 -20.58 2.91 5.13
C GLU D 14 -20.12 2.34 6.47
N GLU D 15 -20.85 1.35 6.97
CA GLU D 15 -20.51 0.82 8.26
C GLU D 15 -19.15 0.13 8.16
N VAL D 16 -18.90 -0.52 7.05
CA VAL D 16 -17.65 -1.23 6.94
C VAL D 16 -16.45 -0.27 6.89
N LEU D 17 -16.58 0.79 6.08
CA LEU D 17 -15.61 1.88 6.07
C LEU D 17 -15.26 2.39 7.49
N LEU D 18 -16.29 2.69 8.29
CA LEU D 18 -16.14 3.08 9.69
C LEU D 18 -15.36 2.06 10.51
N MET D 19 -15.72 0.78 10.39
CA MET D 19 -14.94 -0.29 10.97
C MET D 19 -13.46 -0.19 10.57
N GLY D 20 -13.18 0.39 9.41
CA GLY D 20 -11.78 0.54 8.99
C GLY D 20 -11.11 1.84 9.42
N LEU D 21 -11.91 2.86 9.73
CA LEU D 21 -11.43 4.22 9.99
C LEU D 21 -10.71 4.38 11.34
N ARG D 22 -9.53 5.05 11.34
CA ARG D 22 -8.85 5.49 12.59
C ARG D 22 -9.53 6.71 13.23
N ASP D 23 -9.31 6.92 14.53
CA ASP D 23 -9.84 8.12 15.26
C ASP D 23 -9.08 9.38 14.91
N ARG D 24 -7.75 9.29 15.02
CA ARG D 24 -6.87 10.40 14.74
C ARG D 24 -6.28 10.06 13.37
N GLU D 25 -6.16 11.09 12.51
CA GLU D 25 -5.44 11.03 11.21
C GLU D 25 -5.96 9.93 10.25
N GLY D 26 -7.27 9.96 10.03
CA GLY D 26 -8.00 8.88 9.36
C GLY D 26 -7.70 8.63 7.89
N TYR D 27 -7.14 9.60 7.19
CA TYR D 27 -6.79 9.35 5.80
C TYR D 27 -5.62 8.35 5.76
N LEU D 28 -5.00 8.12 6.91
CA LEU D 28 -3.84 7.23 7.01
C LEU D 28 -4.27 5.82 7.35
N SER D 29 -5.58 5.58 7.34
CA SER D 29 -6.12 4.26 7.62
C SER D 29 -5.73 3.31 6.50
N PHE D 30 -5.80 2.01 6.79
CA PHE D 30 -5.36 0.97 5.87
C PHE D 30 -6.39 0.70 4.78
N TRP D 31 -6.07 0.99 3.52
CA TRP D 31 -6.95 0.64 2.41
C TRP D 31 -6.33 -0.45 1.53
N ASN D 32 -7.13 -1.43 1.12
CA ASN D 32 -6.57 -2.62 0.47
C ASN D 32 -7.58 -3.29 -0.48
N ASP D 33 -7.12 -4.26 -1.28
CA ASP D 33 -7.96 -4.91 -2.32
C ASP D 33 -9.14 -5.65 -1.66
N SER D 34 -8.96 -6.13 -0.43
CA SER D 34 -10.07 -6.67 0.39
C SER D 34 -11.24 -5.71 0.71
N ILE D 35 -11.02 -4.61 1.42
CA ILE D 35 -12.12 -3.73 1.80
C ILE D 35 -12.89 -3.38 0.54
N SER D 36 -12.14 -2.97 -0.48
CA SER D 36 -12.72 -2.55 -1.74
C SER D 36 -13.73 -3.57 -2.28
N TYR D 37 -13.31 -4.83 -2.29
CA TYR D 37 -14.09 -5.90 -2.84
C TYR D 37 -15.33 -6.18 -1.98
N ALA D 38 -15.12 -6.24 -0.66
CA ALA D 38 -16.21 -6.50 0.26
C ALA D 38 -17.35 -5.47 0.19
N LEU D 39 -17.01 -4.20 -0.04
CA LEU D 39 -18.03 -3.18 -0.24
C LEU D 39 -18.96 -3.53 -1.40
N ARG D 40 -18.46 -4.27 -2.39
CA ARG D 40 -19.34 -4.69 -3.45
C ARG D 40 -20.32 -5.80 -3.01
N GLY D 41 -19.81 -6.73 -2.19
CA GLY D 41 -20.68 -7.69 -1.54
C GLY D 41 -21.88 -6.95 -0.94
N CYS D 42 -21.54 -6.05 0.00
CA CYS D 42 -22.42 -5.05 0.62
C CYS D 42 -23.46 -4.37 -0.24
N ILE D 43 -22.99 -3.78 -1.34
CA ILE D 43 -23.90 -3.21 -2.32
C ILE D 43 -24.96 -4.25 -2.68
N ILE D 44 -24.56 -5.47 -2.99
CA ILE D 44 -25.60 -6.43 -3.34
C ILE D 44 -26.45 -6.86 -2.11
N ILE D 45 -25.86 -7.19 -0.96
CA ILE D 45 -26.66 -7.45 0.28
C ILE D 45 -27.72 -6.39 0.51
N GLU D 46 -27.27 -5.15 0.50
CA GLU D 46 -28.09 -3.98 0.66
C GLU D 46 -29.31 -4.00 -0.28
N LEU D 47 -29.05 -3.99 -1.59
CA LEU D 47 -30.11 -4.12 -2.60
C LEU D 47 -31.07 -5.29 -2.32
N ALA D 48 -30.55 -6.37 -1.73
CA ALA D 48 -31.43 -7.47 -1.32
C ALA D 48 -32.38 -7.06 -0.19
N LEU D 49 -31.85 -6.62 0.95
CA LEU D 49 -32.70 -6.15 2.05
C LEU D 49 -33.65 -5.01 1.63
N ARG D 50 -33.29 -4.25 0.60
CA ARG D 50 -34.12 -3.16 0.12
C ARG D 50 -35.22 -3.60 -0.84
N GLY D 51 -35.31 -4.91 -1.09
CA GLY D 51 -36.30 -5.46 -2.02
C GLY D 51 -36.17 -5.10 -3.50
N LYS D 52 -34.93 -4.81 -3.94
CA LYS D 52 -34.67 -4.44 -5.33
C LYS D 52 -34.29 -5.66 -6.18
N ILE D 53 -33.70 -6.67 -5.54
CA ILE D 53 -33.26 -7.88 -6.23
C ILE D 53 -33.74 -9.13 -5.46
N ARG D 54 -33.67 -10.28 -6.10
CA ARG D 54 -33.91 -11.56 -5.45
C ARG D 54 -33.22 -12.60 -6.30
N ILE D 55 -32.98 -13.82 -5.81
CA ILE D 55 -32.38 -14.80 -6.71
C ILE D 55 -33.50 -15.20 -7.66
N LEU D 56 -33.11 -15.61 -8.87
CA LEU D 56 -34.04 -16.02 -9.92
C LEU D 56 -34.63 -17.36 -9.51
N ASP D 57 -35.96 -17.46 -9.44
CA ASP D 57 -36.61 -18.65 -8.85
C ASP D 57 -36.67 -19.89 -9.76
N ASP D 58 -35.51 -20.31 -10.26
CA ASP D 58 -35.41 -21.45 -11.17
C ASP D 58 -34.80 -22.61 -10.39
N SER D 59 -35.56 -23.71 -10.26
CA SER D 59 -35.16 -24.81 -9.36
C SER D 59 -33.89 -25.52 -9.81
N ALA D 60 -33.47 -25.21 -11.03
CA ALA D 60 -32.16 -25.63 -11.53
C ALA D 60 -31.02 -25.12 -10.63
N ARG D 61 -31.16 -23.90 -10.14
CA ARG D 61 -30.13 -23.21 -9.34
C ARG D 61 -29.60 -24.06 -8.19
N LYS D 62 -30.50 -24.84 -7.59
CA LYS D 62 -30.19 -25.67 -6.45
C LYS D 62 -29.04 -26.67 -6.70
N ARG D 63 -28.61 -26.83 -7.95
CA ARG D 63 -27.45 -27.69 -8.24
C ARG D 63 -26.11 -26.94 -8.34
N PHE D 64 -26.15 -25.64 -8.03
CA PHE D 64 -24.99 -24.78 -8.14
C PHE D 64 -24.79 -24.01 -6.87
N ASP D 65 -23.51 -23.85 -6.49
CA ASP D 65 -23.08 -23.01 -5.38
C ASP D 65 -23.89 -21.72 -5.26
N LEU D 66 -24.12 -21.32 -4.01
CA LEU D 66 -24.94 -20.16 -3.76
C LEU D 66 -24.44 -18.91 -4.47
N SER D 67 -23.12 -18.68 -4.46
CA SER D 67 -22.51 -17.49 -5.05
C SER D 67 -22.51 -17.44 -6.59
N GLU D 68 -22.88 -18.55 -7.20
CA GLU D 68 -22.93 -18.69 -8.64
C GLU D 68 -24.34 -18.68 -9.16
N ARG D 69 -25.29 -18.37 -8.29
CA ARG D 69 -26.69 -18.34 -8.70
C ARG D 69 -27.09 -16.98 -9.25
N LEU D 70 -27.97 -16.96 -10.24
CA LEU D 70 -28.32 -15.71 -10.90
C LEU D 70 -29.35 -15.00 -10.08
N ILE D 71 -29.37 -13.68 -10.19
CA ILE D 71 -30.32 -12.84 -9.47
C ILE D 71 -30.99 -11.96 -10.48
N GLU D 72 -32.16 -11.43 -10.13
CA GLU D 72 -32.88 -10.56 -11.05
C GLU D 72 -33.39 -9.32 -10.34
N VAL D 73 -33.67 -8.29 -11.13
CA VAL D 73 -34.18 -7.01 -10.63
C VAL D 73 -35.71 -7.01 -10.40
N ILE D 74 -36.15 -7.08 -9.15
CA ILE D 74 -37.55 -6.86 -8.77
C ILE D 74 -37.99 -5.41 -9.01
N ASP D 75 -37.09 -4.47 -8.81
CA ASP D 75 -37.49 -3.07 -8.62
C ASP D 75 -36.30 -2.13 -8.82
N SER D 76 -36.37 -1.30 -9.86
CA SER D 76 -35.22 -0.51 -10.29
C SER D 76 -35.31 0.98 -9.97
N SER D 77 -36.30 1.38 -9.17
CA SER D 77 -36.44 2.76 -8.72
C SER D 77 -35.33 3.20 -7.73
N LYS D 78 -34.77 4.37 -7.99
CA LYS D 78 -33.71 4.98 -7.20
C LYS D 78 -33.92 4.79 -5.70
N THR D 79 -32.85 4.42 -5.01
CA THR D 79 -32.79 4.24 -3.58
C THR D 79 -32.36 5.52 -2.93
N GLY D 80 -31.75 6.42 -3.70
CA GLY D 80 -31.16 7.63 -3.11
C GLY D 80 -29.71 7.42 -2.67
N GLU D 81 -29.27 6.17 -2.65
CA GLU D 81 -27.86 5.88 -2.46
C GLU D 81 -27.21 5.80 -3.82
N VAL D 82 -26.39 6.80 -4.13
CA VAL D 82 -25.73 6.86 -5.44
C VAL D 82 -25.07 5.52 -5.81
N LEU D 83 -24.40 4.90 -4.84
CA LEU D 83 -23.65 3.68 -5.13
C LEU D 83 -24.60 2.55 -5.49
N LEU D 84 -25.68 2.42 -4.72
CA LEU D 84 -26.72 1.41 -4.95
C LEU D 84 -27.44 1.63 -6.27
N ASP D 85 -27.88 2.87 -6.47
CA ASP D 85 -28.57 3.30 -7.68
C ASP D 85 -27.83 2.97 -8.97
N GLU D 86 -26.55 3.29 -9.01
CA GLU D 86 -25.76 3.05 -10.20
C GLU D 86 -25.62 1.59 -10.49
N THR D 87 -25.57 0.75 -9.46
CA THR D 87 -25.38 -0.64 -9.77
C THR D 87 -26.75 -1.14 -10.26
N LEU D 88 -27.79 -0.57 -9.68
CA LEU D 88 -29.13 -0.87 -10.12
C LEU D 88 -29.32 -0.56 -11.60
N GLN D 89 -28.82 0.60 -12.06
CA GLN D 89 -28.80 0.92 -13.48
C GLN D 89 -28.17 -0.15 -14.37
N LEU D 90 -26.95 -0.58 -14.02
CA LEU D 90 -26.25 -1.64 -14.74
C LEU D 90 -27.09 -2.91 -14.80
N MET D 91 -27.72 -3.21 -13.67
CA MET D 91 -28.48 -4.43 -13.54
C MET D 91 -29.74 -4.41 -14.40
N LYS D 92 -30.42 -3.26 -14.47
CA LYS D 92 -31.70 -3.16 -15.20
C LYS D 92 -31.50 -3.52 -16.67
N ASN D 93 -30.44 -3.00 -17.27
CA ASN D 93 -30.17 -3.19 -18.69
C ASN D 93 -29.26 -4.38 -19.04
N ASP D 94 -29.47 -5.55 -18.41
CA ASP D 94 -28.64 -6.73 -18.71
C ASP D 94 -29.37 -8.04 -18.33
N GLU D 95 -29.02 -9.14 -18.99
CA GLU D 95 -29.47 -10.50 -18.63
C GLU D 95 -29.18 -10.78 -17.13
N PRO D 96 -29.87 -11.76 -16.53
CA PRO D 96 -29.45 -12.13 -15.16
C PRO D 96 -28.02 -12.77 -14.98
N LEU D 97 -27.09 -12.02 -14.39
CA LEU D 97 -25.79 -12.62 -14.01
C LEU D 97 -25.75 -13.09 -12.55
N SER D 98 -24.82 -14.00 -12.25
CA SER D 98 -24.68 -14.51 -10.88
C SER D 98 -24.15 -13.48 -9.85
N ILE D 99 -24.35 -13.81 -8.57
CA ILE D 99 -23.90 -12.94 -7.49
C ILE D 99 -22.41 -12.59 -7.57
N SER D 100 -21.54 -13.60 -7.62
CA SER D 100 -20.12 -13.27 -7.64
C SER D 100 -19.78 -12.63 -8.97
N ASN D 101 -20.50 -13.04 -10.00
CA ASN D 101 -20.33 -12.45 -11.29
C ASN D 101 -20.56 -10.93 -11.22
N TRP D 102 -21.61 -10.51 -10.50
CA TRP D 102 -21.87 -9.07 -10.27
C TRP D 102 -20.85 -8.41 -9.35
N ILE D 103 -20.56 -9.05 -8.23
CA ILE D 103 -19.54 -8.53 -7.33
C ILE D 103 -18.20 -8.31 -8.05
N ASP D 104 -17.84 -9.25 -8.94
CA ASP D 104 -16.65 -9.14 -9.77
C ASP D 104 -16.75 -8.05 -10.81
N LEU D 105 -17.90 -7.88 -11.42
CA LEU D 105 -17.99 -6.93 -12.50
C LEU D 105 -17.87 -5.55 -11.92
N LEU D 106 -18.60 -5.35 -10.82
CA LEU D 106 -18.66 -4.07 -10.10
C LEU D 106 -17.32 -3.73 -9.44
N SER D 107 -16.50 -4.73 -9.16
CA SER D 107 -15.14 -4.48 -8.70
C SER D 107 -14.13 -4.42 -9.83
N GLY D 108 -14.56 -4.72 -11.05
CA GLY D 108 -13.64 -4.99 -12.17
C GLY D 108 -12.54 -6.02 -11.89
N GLU D 109 -12.87 -7.09 -11.17
CA GLU D 109 -11.97 -8.22 -11.05
C GLU D 109 -12.04 -9.10 -12.33
N THR D 110 -13.09 -8.83 -13.13
CA THR D 110 -13.44 -9.50 -14.38
C THR D 110 -12.64 -8.90 -15.53
N TRP D 111 -12.36 -9.68 -16.58
CA TRP D 111 -11.54 -9.13 -17.70
C TRP D 111 -12.14 -9.31 -19.09
N ASN D 112 -13.45 -9.11 -19.21
CA ASN D 112 -14.06 -8.97 -20.55
C ASN D 112 -14.37 -7.49 -20.95
N LEU D 113 -13.64 -7.01 -21.98
CA LEU D 113 -13.63 -5.63 -22.48
C LEU D 113 -15.03 -5.11 -22.76
N LEU D 114 -15.96 -6.05 -22.87
CA LEU D 114 -17.33 -5.76 -23.21
C LEU D 114 -18.00 -4.92 -22.11
N LYS D 115 -17.77 -5.30 -20.86
CA LYS D 115 -18.44 -4.65 -19.72
C LYS D 115 -17.46 -3.80 -18.86
N ILE D 116 -16.59 -3.06 -19.53
CA ILE D 116 -15.57 -2.20 -18.88
C ILE D 116 -16.15 -1.14 -17.89
N ASN D 117 -17.21 -0.46 -18.33
CA ASN D 117 -17.83 0.59 -17.53
C ASN D 117 -18.72 0.07 -16.37
N TYR D 118 -18.73 -1.25 -16.14
CA TYR D 118 -19.52 -1.88 -15.06
C TYR D 118 -18.89 -1.71 -13.70
N GLN D 119 -17.62 -1.32 -13.71
CA GLN D 119 -16.86 -1.19 -12.53
C GLN D 119 -17.10 0.18 -11.93
N LEU D 120 -17.37 0.21 -10.63
CA LEU D 120 -17.73 1.45 -9.95
C LEU D 120 -16.48 2.22 -9.55
N LYS D 121 -16.39 3.44 -10.04
CA LYS D 121 -15.24 4.27 -9.72
C LYS D 121 -15.62 5.22 -8.54
N GLN D 122 -14.62 5.77 -7.84
CA GLN D 122 -14.89 6.71 -6.73
C GLN D 122 -15.69 6.18 -5.53
N VAL D 123 -15.46 4.94 -5.09
CA VAL D 123 -16.27 4.37 -4.02
C VAL D 123 -15.95 4.99 -2.66
N ARG D 124 -14.67 4.97 -2.30
CA ARG D 124 -14.16 5.62 -1.09
C ARG D 124 -14.68 7.04 -0.93
N GLU D 125 -14.49 7.86 -1.94
CA GLU D 125 -14.80 9.27 -1.81
C GLU D 125 -16.30 9.53 -1.82
N ARG D 126 -17.03 8.74 -2.58
CA ARG D 126 -18.46 8.86 -2.54
C ARG D 126 -19.01 8.33 -1.25
N LEU D 127 -18.42 7.25 -0.75
CA LEU D 127 -18.76 6.71 0.59
C LEU D 127 -18.47 7.71 1.71
N ALA D 128 -17.45 8.53 1.52
CA ALA D 128 -17.08 9.56 2.48
C ALA D 128 -17.94 10.82 2.34
N LYS D 129 -18.31 11.20 1.11
CA LYS D 129 -19.25 12.31 0.96
C LYS D 129 -20.54 11.92 1.67
N GLY D 130 -20.98 10.68 1.48
CA GLY D 130 -22.11 10.14 2.25
C GLY D 130 -21.95 10.27 3.77
N LEU D 131 -20.80 9.83 4.26
CA LEU D 131 -20.55 9.90 5.68
C LEU D 131 -20.51 11.35 6.16
N VAL D 132 -20.03 12.25 5.31
CA VAL D 132 -19.97 13.69 5.64
C VAL D 132 -21.36 14.31 5.69
N ASP D 133 -22.13 14.11 4.60
CA ASP D 133 -23.49 14.65 4.45
C ASP D 133 -24.44 14.06 5.49
N LYS D 134 -24.14 12.89 5.99
CA LYS D 134 -24.94 12.32 7.05
C LYS D 134 -24.51 12.78 8.44
N GLY D 135 -23.50 13.62 8.51
CA GLY D 135 -23.04 14.11 9.81
C GLY D 135 -22.16 13.22 10.67
N VAL D 136 -21.82 12.03 10.21
CA VAL D 136 -20.87 11.20 10.96
C VAL D 136 -19.45 11.79 10.87
N LEU D 137 -19.16 12.47 9.76
CA LEU D 137 -17.83 13.03 9.52
C LEU D 137 -17.90 14.53 9.27
N ARG D 138 -16.87 15.24 9.74
CA ARG D 138 -16.63 16.66 9.49
C ARG D 138 -15.76 16.76 8.26
N THR D 139 -15.39 17.97 7.91
CA THR D 139 -14.44 18.20 6.82
C THR D 139 -13.52 19.37 7.17
N GLU D 140 -12.21 19.11 7.26
CA GLU D 140 -11.28 20.21 7.57
C GLU D 140 -9.95 20.04 6.89
N MET D 141 -9.32 21.16 6.53
CA MET D 141 -8.06 21.16 5.74
C MET D 141 -6.78 21.07 6.56
N LYS D 142 -5.93 20.07 6.30
CA LYS D 142 -4.59 20.05 6.90
C LYS D 142 -3.62 20.58 5.84
N ASN D 143 -2.83 21.59 6.20
CA ASN D 143 -1.84 22.18 5.26
C ASN D 143 -0.47 21.49 5.34
N PHE D 144 -0.19 20.62 4.36
CA PHE D 144 1.16 20.04 4.16
C PHE D 144 2.08 21.02 3.38
N PHE D 145 3.35 20.72 3.29
CA PHE D 145 4.26 21.70 2.72
C PHE D 145 3.83 22.16 1.35
N LEU D 146 3.60 21.24 0.42
CA LEU D 146 3.32 21.66 -0.95
C LEU D 146 1.86 21.69 -1.36
N PHE D 147 0.95 21.30 -0.46
CA PHE D 147 -0.48 21.17 -0.80
C PHE D 147 -1.35 21.15 0.45
N ASP D 148 -2.64 21.37 0.29
CA ASP D 148 -3.59 21.05 1.35
C ASP D 148 -4.38 19.82 0.89
N MET D 149 -4.68 18.93 1.84
CA MET D 149 -5.66 17.84 1.62
C MET D 149 -6.91 18.01 2.48
N ALA D 150 -8.05 17.72 1.88
CA ALA D 150 -9.29 17.66 2.64
C ALA D 150 -9.22 16.49 3.62
N THR D 151 -9.64 16.72 4.83
CA THR D 151 -9.54 15.75 5.87
C THR D 151 -10.97 15.55 6.29
N HIS D 152 -11.35 14.34 6.65
CA HIS D 152 -12.69 14.15 7.16
C HIS D 152 -12.74 13.55 8.55
N PRO D 153 -12.53 14.40 9.57
CA PRO D 153 -12.43 13.82 10.90
C PRO D 153 -13.80 13.44 11.42
N ILE D 154 -13.85 12.48 12.33
CA ILE D 154 -15.09 12.08 12.95
C ILE D 154 -15.83 13.28 13.56
N ALA D 155 -17.03 13.56 13.08
CA ALA D 155 -17.92 14.56 13.69
C ALA D 155 -18.73 13.95 14.84
N ASP D 156 -19.41 12.82 14.59
CA ASP D 156 -20.17 12.11 15.62
C ASP D 156 -19.53 10.76 16.05
N ALA D 157 -18.79 10.75 17.15
CA ALA D 157 -18.18 9.49 17.64
C ALA D 157 -19.17 8.40 18.13
N SER D 158 -20.41 8.80 18.38
CA SER D 158 -21.43 7.91 18.94
C SER D 158 -21.97 7.01 17.87
N CYS D 159 -21.81 7.41 16.61
CA CYS D 159 -22.24 6.61 15.46
C CYS D 159 -21.54 5.25 15.39
N LYS D 160 -20.21 5.28 15.29
CA LYS D 160 -19.36 4.08 15.21
C LYS D 160 -19.37 3.31 16.51
N GLU D 161 -19.67 4.03 17.57
CA GLU D 161 -19.63 3.45 18.88
C GLU D 161 -20.75 2.40 19.01
N ALA D 162 -21.88 2.67 18.37
CA ALA D 162 -23.01 1.78 18.40
C ALA D 162 -22.75 0.62 17.44
N ILE D 163 -22.28 0.92 16.24
CA ILE D 163 -21.83 -0.14 15.34
C ILE D 163 -20.96 -1.08 16.17
N LYS D 164 -19.93 -0.56 16.81
CA LYS D 164 -19.02 -1.43 17.51
C LYS D 164 -19.72 -2.28 18.55
N ARG D 165 -20.72 -1.68 19.19
CA ARG D 165 -21.40 -2.29 20.34
C ARG D 165 -22.30 -3.39 19.86
N ARG D 166 -22.84 -3.23 18.64
CA ARG D 166 -23.62 -4.30 18.03
C ARG D 166 -22.72 -5.49 17.76
N VAL D 167 -21.56 -5.27 17.18
CA VAL D 167 -20.67 -6.38 16.94
C VAL D 167 -20.39 -7.08 18.25
N LEU D 168 -20.14 -6.30 19.30
CA LEU D 168 -19.63 -6.84 20.55
C LEU D 168 -20.69 -7.67 21.23
N SER D 169 -21.91 -7.21 21.01
CA SER D 169 -23.09 -7.86 21.52
C SER D 169 -23.32 -9.25 20.92
N VAL D 170 -22.79 -9.48 19.72
CA VAL D 170 -22.96 -10.73 19.02
C VAL D 170 -21.76 -11.63 19.20
N LEU D 171 -20.61 -11.06 19.57
CA LEU D 171 -19.35 -11.83 19.55
C LEU D 171 -18.65 -11.92 20.90
N VAL D 172 -19.11 -11.12 21.88
CA VAL D 172 -18.64 -11.25 23.28
C VAL D 172 -19.73 -11.43 24.36
N SER D 173 -20.89 -10.78 24.26
CA SER D 173 -22.01 -11.04 25.17
C SER D 173 -22.36 -12.50 25.16
N ARG D 174 -22.79 -13.08 26.28
CA ARG D 174 -23.30 -14.44 26.19
C ARG D 174 -24.73 -14.38 25.68
N ASN D 175 -25.30 -13.19 25.72
CA ASN D 175 -26.67 -13.00 25.31
C ASN D 175 -26.81 -11.76 24.48
N MET D 176 -27.00 -11.95 23.20
CA MET D 176 -27.07 -10.80 22.32
C MET D 176 -28.28 -9.96 22.70
N GLU D 177 -28.03 -8.76 23.24
CA GLU D 177 -29.08 -7.74 23.40
C GLU D 177 -28.67 -6.45 22.69
N LEU D 178 -29.23 -6.19 21.52
CA LEU D 178 -28.83 -5.09 20.65
C LEU D 178 -29.36 -3.70 21.04
N SER D 179 -28.49 -2.68 20.97
CA SER D 179 -28.88 -1.29 21.28
C SER D 179 -29.21 -0.46 20.05
N TYR D 180 -30.35 0.23 20.11
CA TYR D 180 -30.78 1.02 18.96
C TYR D 180 -30.58 2.50 19.20
N ASN D 181 -30.09 3.19 18.18
CA ASN D 181 -29.85 4.63 18.22
C ASN D 181 -30.70 5.28 17.14
N GLU D 182 -30.56 6.59 16.96
CA GLU D 182 -31.26 7.29 15.84
C GLU D 182 -30.87 6.68 14.49
N TYR D 183 -29.58 6.39 14.29
CA TYR D 183 -29.04 5.81 13.06
C TYR D 183 -29.62 4.43 12.72
N PHE D 184 -29.87 3.63 13.76
CA PHE D 184 -30.27 2.24 13.65
C PHE D 184 -31.38 1.97 14.67
N PRO D 185 -32.63 2.41 14.36
CA PRO D 185 -33.78 2.27 15.24
C PRO D 185 -34.18 0.83 15.51
N GLU D 186 -34.93 0.59 16.62
CA GLU D 186 -35.57 -0.74 16.86
C GLU D 186 -36.54 -1.08 15.72
N THR D 187 -37.07 -0.06 15.06
CA THR D 187 -37.98 -0.27 13.94
C THR D 187 -37.25 -0.45 12.60
N THR D 188 -36.24 -1.33 12.60
CA THR D 188 -35.41 -1.56 11.41
C THR D 188 -35.54 -2.99 10.98
N SER D 189 -36.00 -3.16 9.74
CA SER D 189 -36.19 -4.47 9.12
C SER D 189 -34.92 -5.29 9.11
N PHE D 190 -35.04 -6.51 9.60
CA PHE D 190 -33.91 -7.43 9.60
C PHE D 190 -32.73 -6.91 10.38
N LYS D 191 -33.03 -6.24 11.49
CA LYS D 191 -31.95 -5.67 12.28
C LYS D 191 -30.82 -6.68 12.59
N ILE D 192 -31.13 -7.89 13.05
CA ILE D 192 -30.04 -8.84 13.29
C ILE D 192 -29.39 -9.30 11.99
N ILE D 193 -30.22 -9.60 10.99
CA ILE D 193 -29.68 -10.03 9.72
C ILE D 193 -28.62 -9.00 9.33
N ARG D 194 -29.00 -7.72 9.39
CA ARG D 194 -28.09 -6.60 9.09
C ARG D 194 -26.86 -6.51 9.99
N THR D 195 -26.97 -6.92 11.23
CA THR D 195 -25.81 -6.91 12.10
C THR D 195 -24.90 -8.08 11.71
N LEU D 196 -25.50 -9.24 11.42
CA LEU D 196 -24.74 -10.40 10.96
C LEU D 196 -24.09 -10.06 9.62
N ALA D 197 -24.81 -9.30 8.78
CA ALA D 197 -24.23 -8.79 7.55
C ALA D 197 -22.98 -7.95 7.78
N LEU D 198 -23.09 -6.94 8.62
CA LEU D 198 -21.97 -6.07 8.99
C LEU D 198 -20.74 -6.84 9.51
N ILE D 199 -20.97 -7.84 10.33
CA ILE D 199 -19.89 -8.64 10.86
C ILE D 199 -19.21 -9.43 9.74
N CYS D 200 -19.97 -10.23 9.00
CA CYS D 200 -19.39 -11.04 7.93
C CYS D 200 -18.71 -10.15 6.90
N GLY D 201 -19.37 -9.06 6.52
CA GLY D 201 -18.77 -8.10 5.60
C GLY D 201 -17.40 -7.65 6.09
N SER D 202 -17.35 -7.21 7.35
CA SER D 202 -16.15 -6.67 8.00
C SER D 202 -15.09 -7.74 8.05
N TYR D 203 -15.52 -8.96 8.36
CA TYR D 203 -14.61 -10.11 8.38
C TYR D 203 -13.93 -10.33 7.03
N GLY D 204 -14.73 -10.32 5.96
CA GLY D 204 -14.19 -10.50 4.63
C GLY D 204 -13.34 -9.29 4.30
N ALA D 205 -13.85 -8.11 4.64
CA ALA D 205 -13.12 -6.86 4.42
C ALA D 205 -11.84 -6.80 5.26
N ASN D 206 -11.67 -7.78 6.16
CA ASN D 206 -10.48 -7.82 6.99
C ASN D 206 -10.33 -6.69 8.02
N VAL D 207 -11.46 -6.18 8.51
CA VAL D 207 -11.45 -5.16 9.52
C VAL D 207 -12.28 -5.57 10.75
N LEU D 208 -12.76 -6.81 10.81
CA LEU D 208 -13.51 -7.20 12.01
C LEU D 208 -12.67 -7.11 13.31
N GLU D 209 -11.53 -7.78 13.31
CA GLU D 209 -10.54 -7.77 14.37
C GLU D 209 -10.21 -6.41 14.98
N ASN D 210 -10.30 -5.35 14.18
CA ASN D 210 -10.02 -4.01 14.65
C ASN D 210 -10.81 -3.65 15.87
N VAL D 211 -12.04 -4.11 15.91
CA VAL D 211 -13.00 -3.65 16.84
C VAL D 211 -12.87 -4.39 18.15
N LEU D 212 -12.13 -5.50 18.14
CA LEU D 212 -11.96 -6.32 19.35
C LEU D 212 -10.64 -6.19 20.11
N THR D 213 -9.67 -5.47 19.55
CA THR D 213 -8.28 -5.60 20.02
C THR D 213 -7.97 -5.25 21.48
N THR D 214 -8.77 -4.39 22.11
CA THR D 214 -8.57 -4.08 23.52
C THR D 214 -8.90 -5.26 24.44
N LEU D 215 -9.78 -6.18 24.02
CA LEU D 215 -10.20 -7.30 24.86
C LEU D 215 -9.07 -8.25 25.25
N GLU D 216 -9.25 -9.02 26.33
CA GLU D 216 -8.30 -10.08 26.64
C GLU D 216 -8.41 -11.15 25.51
N TYR D 217 -7.29 -11.78 25.13
CA TYR D 217 -7.28 -12.65 23.92
C TYR D 217 -8.23 -13.83 23.90
N GLU D 218 -8.42 -14.58 24.99
CA GLU D 218 -9.47 -15.60 25.00
C GLU D 218 -10.76 -15.00 24.42
N LYS D 219 -11.11 -13.78 24.83
CA LYS D 219 -12.34 -13.16 24.37
C LYS D 219 -12.26 -12.78 22.87
N ARG D 220 -11.06 -12.40 22.41
CA ARG D 220 -10.86 -12.03 20.99
C ARG D 220 -10.88 -13.21 20.05
N ASP D 221 -10.27 -14.29 20.50
CA ASP D 221 -10.28 -15.53 19.81
C ASP D 221 -11.71 -16.05 19.65
N LYS D 222 -12.42 -16.14 20.79
CA LYS D 222 -13.79 -16.60 20.83
C LYS D 222 -14.64 -15.82 19.86
N ALA D 223 -14.46 -14.49 19.84
CA ALA D 223 -15.18 -13.59 18.94
C ALA D 223 -14.97 -13.96 17.47
N ILE D 224 -13.71 -14.11 17.08
CA ILE D 224 -13.34 -14.45 15.70
C ILE D 224 -14.05 -15.74 15.30
N SER D 225 -13.90 -16.77 16.14
CA SER D 225 -14.59 -18.04 15.98
C SER D 225 -16.10 -17.90 15.83
N ARG D 226 -16.72 -17.21 16.77
CA ARG D 226 -18.13 -16.94 16.71
C ARG D 226 -18.52 -16.40 15.33
N ALA D 227 -17.76 -15.42 14.84
CA ALA D 227 -18.02 -14.82 13.53
C ALA D 227 -17.93 -15.90 12.47
N GLU D 228 -16.91 -16.75 12.58
CA GLU D 228 -16.70 -17.81 11.62
C GLU D 228 -17.84 -18.82 11.61
N GLU D 229 -18.36 -19.13 12.80
CA GLU D 229 -19.57 -19.93 12.92
C GLU D 229 -20.69 -19.24 12.16
N ILE D 230 -21.04 -18.02 12.59
CA ILE D 230 -22.10 -17.28 11.93
C ILE D 230 -21.94 -17.38 10.43
N MET D 231 -20.71 -17.18 9.94
CA MET D 231 -20.39 -17.27 8.51
C MET D 231 -20.69 -18.64 7.87
N ALA D 232 -20.33 -19.74 8.54
CA ALA D 232 -20.82 -21.07 8.19
C ALA D 232 -22.37 -21.14 8.16
N GLN D 233 -23.03 -20.84 9.28
CA GLN D 233 -24.50 -20.95 9.38
C GLN D 233 -25.27 -20.19 8.31
N PHE D 234 -24.77 -19.02 7.97
CA PHE D 234 -25.54 -18.13 7.15
C PHE D 234 -25.09 -18.13 5.72
N SER D 235 -24.02 -18.87 5.45
CA SER D 235 -23.56 -19.03 4.07
C SER D 235 -24.17 -20.26 3.35
N GLN D 236 -25.30 -20.73 3.87
CA GLN D 236 -26.12 -21.70 3.14
C GLN D 236 -27.61 -21.48 3.36
N TYR D 237 -28.41 -21.70 2.32
CA TYR D 237 -29.86 -21.47 2.38
C TYR D 237 -30.70 -22.74 2.15
N PRO D 238 -31.71 -22.99 3.02
CA PRO D 238 -32.16 -22.21 4.18
C PRO D 238 -31.11 -22.16 5.29
N PHE D 239 -31.15 -21.13 6.14
CA PHE D 239 -30.14 -20.98 7.17
C PHE D 239 -30.30 -22.10 8.16
N ASP D 240 -29.21 -22.78 8.45
CA ASP D 240 -29.25 -23.68 9.59
C ASP D 240 -29.42 -22.85 10.86
N LEU D 241 -30.62 -22.90 11.42
CA LEU D 241 -30.87 -22.23 12.69
C LEU D 241 -31.09 -23.25 13.79
N GLU D 242 -30.46 -24.42 13.63
CA GLU D 242 -30.54 -25.52 14.59
C GLU D 242 -29.23 -25.86 15.28
N LYS D 243 -28.11 -25.60 14.61
CA LYS D 243 -26.78 -25.87 15.20
C LYS D 243 -26.45 -24.89 16.32
N GLU D 244 -26.85 -25.24 17.55
CA GLU D 244 -26.52 -24.45 18.72
C GLU D 244 -24.98 -24.33 18.82
N THR D 245 -24.49 -23.18 19.29
CA THR D 245 -23.05 -22.93 19.40
C THR D 245 -22.40 -23.60 20.63
N GLU D 246 -21.20 -24.11 20.45
CA GLU D 246 -20.45 -24.64 21.59
C GLU D 246 -19.69 -23.52 22.34
N LEU D 247 -19.73 -22.28 21.81
CA LEU D 247 -18.88 -21.16 22.26
C LEU D 247 -19.39 -20.31 23.43
N GLY D 248 -20.67 -20.41 23.74
CA GLY D 248 -21.22 -19.69 24.88
C GLY D 248 -21.37 -18.21 24.62
N VAL D 249 -21.39 -17.85 23.34
CA VAL D 249 -21.51 -16.47 22.96
C VAL D 249 -22.75 -16.34 22.10
N SER D 250 -23.51 -15.27 22.31
CA SER D 250 -24.79 -15.04 21.61
C SER D 250 -25.60 -16.34 21.49
N VAL D 251 -25.64 -17.07 22.60
CA VAL D 251 -26.39 -18.33 22.74
C VAL D 251 -27.87 -18.19 22.29
N ASN D 252 -28.39 -16.97 22.28
CA ASN D 252 -29.73 -16.70 21.80
C ASN D 252 -29.85 -16.30 20.31
N LEU D 253 -28.76 -16.37 19.54
CA LEU D 253 -28.78 -15.88 18.13
C LEU D 253 -29.85 -16.59 17.28
N ASN D 254 -29.89 -17.93 17.34
CA ASN D 254 -30.92 -18.74 16.67
C ASN D 254 -32.39 -18.37 17.01
N LYS D 255 -32.75 -18.29 18.30
CA LYS D 255 -34.11 -17.88 18.67
C LYS D 255 -34.52 -16.55 18.02
N GLU D 256 -33.67 -15.54 18.16
CA GLU D 256 -33.99 -14.20 17.68
C GLU D 256 -34.00 -14.12 16.16
N VAL D 257 -33.04 -14.78 15.50
CA VAL D 257 -32.99 -14.68 14.05
C VAL D 257 -34.26 -15.32 13.48
N LYS D 258 -34.60 -16.52 14.00
CA LYS D 258 -35.86 -17.21 13.70
C LYS D 258 -37.05 -16.29 13.82
N GLU D 259 -37.24 -15.73 15.01
CA GLU D 259 -38.32 -14.78 15.23
C GLU D 259 -38.27 -13.69 14.18
N GLU D 260 -37.09 -13.08 13.99
CA GLU D 260 -36.94 -11.99 13.03
C GLU D 260 -37.49 -12.38 11.64
N ILE D 261 -37.12 -13.57 11.16
CA ILE D 261 -37.57 -14.06 9.87
C ILE D 261 -39.07 -14.33 9.93
N GLU D 262 -39.54 -14.95 11.01
CA GLU D 262 -40.97 -15.24 11.19
C GLU D 262 -41.76 -13.94 10.95
N ASN D 263 -41.46 -12.90 11.72
CA ASN D 263 -42.16 -11.63 11.62
C ASN D 263 -42.01 -10.92 10.31
N ASN D 264 -41.11 -11.43 9.47
CA ASN D 264 -40.82 -10.79 8.20
C ASN D 264 -40.88 -11.82 7.06
N PRO D 265 -42.11 -12.19 6.68
CA PRO D 265 -42.32 -13.43 5.97
C PRO D 265 -42.21 -13.22 4.46
N GLY D 266 -42.02 -14.31 3.72
CA GLY D 266 -42.07 -14.29 2.25
C GLY D 266 -41.05 -13.37 1.62
N HIS D 267 -39.80 -13.68 1.94
CA HIS D 267 -38.64 -12.88 1.58
C HIS D 267 -37.45 -13.81 1.36
N ASP D 268 -37.71 -15.11 1.17
CA ASP D 268 -36.64 -16.09 1.11
C ASP D 268 -35.78 -15.85 -0.09
N LEU D 269 -36.37 -15.35 -1.17
CA LEU D 269 -35.62 -15.17 -2.39
C LEU D 269 -34.58 -14.06 -2.25
N GLN D 270 -34.77 -13.23 -1.23
CA GLN D 270 -33.90 -12.13 -0.93
C GLN D 270 -32.91 -12.55 0.12
N LEU D 271 -33.40 -13.34 1.08
CA LEU D 271 -32.52 -13.95 2.08
C LEU D 271 -31.51 -14.91 1.46
N GLU D 272 -31.90 -15.55 0.36
CA GLU D 272 -30.98 -16.45 -0.36
C GLU D 272 -29.83 -15.67 -0.96
N VAL D 273 -30.15 -14.53 -1.60
CA VAL D 273 -29.11 -13.66 -2.16
C VAL D 273 -28.08 -13.38 -1.10
N ILE D 274 -28.54 -13.15 0.13
CA ILE D 274 -27.64 -12.82 1.24
C ILE D 274 -26.68 -14.00 1.55
N ALA D 275 -27.21 -15.21 1.75
CA ALA D 275 -26.33 -16.38 1.94
C ALA D 275 -25.30 -16.46 0.81
N GLY D 276 -25.74 -16.09 -0.40
CA GLY D 276 -24.84 -15.98 -1.54
C GLY D 276 -23.65 -15.09 -1.25
N VAL D 277 -23.91 -13.80 -1.06
CA VAL D 277 -22.89 -12.85 -0.64
C VAL D 277 -22.07 -13.35 0.57
N PHE D 278 -22.73 -13.87 1.61
CA PHE D 278 -21.98 -14.40 2.74
C PHE D 278 -20.99 -15.48 2.28
N GLU D 279 -21.38 -16.29 1.28
CA GLU D 279 -20.48 -17.32 0.75
C GLU D 279 -19.24 -16.69 0.13
N VAL D 280 -19.47 -15.60 -0.60
CA VAL D 280 -18.40 -14.86 -1.24
C VAL D 280 -17.39 -14.37 -0.19
N PHE D 281 -17.90 -13.85 0.92
CA PHE D 281 -17.07 -13.32 1.99
C PHE D 281 -16.19 -14.40 2.54
N SER D 282 -16.68 -15.64 2.54
CA SER D 282 -15.90 -16.77 3.03
C SER D 282 -14.69 -17.05 2.16
N ARG D 283 -14.83 -16.82 0.86
CA ARG D 283 -13.78 -17.19 -0.05
C ARG D 283 -12.88 -16.01 -0.41
N MET D 284 -12.61 -15.15 0.55
CA MET D 284 -11.85 -13.94 0.23
C MET D 284 -10.34 -14.07 0.37
N ASP D 285 -9.89 -15.08 1.09
CA ASP D 285 -8.48 -15.44 1.13
C ASP D 285 -7.90 -15.49 -0.30
N MET D 286 -8.67 -15.99 -1.27
CA MET D 286 -8.25 -16.19 -2.70
C MET D 286 -8.18 -14.91 -3.57
N LEU D 287 -7.58 -13.84 -3.03
CA LEU D 287 -7.39 -12.56 -3.76
C LEU D 287 -5.92 -12.18 -3.85
#